data_4IP5
#
_entry.id   4IP5
#
_cell.length_a   101.993
_cell.length_b   141.362
_cell.length_c   59.807
_cell.angle_alpha   90.00
_cell.angle_beta   90.00
_cell.angle_gamma   90.00
#
_symmetry.space_group_name_H-M   'P 21 21 2'
#
loop_
_entity.id
_entity.type
_entity.pdbx_description
1 polymer 'Mandelate racemase/muconate lactonizing enzyme-like protein'
2 non-polymer (2R,3R)-N,2,3,4-TETRAHYDROXYBUTANAMIDE
3 non-polymer 'MAGNESIUM ION'
4 non-polymer GLYCEROL
5 water water
#
_entity_poly.entity_id   1
_entity_poly.type   'polypeptide(L)'
_entity_poly.pdbx_seq_one_letter_code
;MTKITGLRTYDLRFPTSEGLDGSDAMNPDPDYSAAYVILETEGTHEGHGLTFTIGRGNEICIAAIKALGALVVGLDLDWI
REDMGRFWRHVTGDSQLRWIGPDKGAIHLAAGAVVNAVWDLWAKDTGKPVWRLVADMSPAEILRLIDFRYLTDVLAPEEA
LDLLKAAEPGKEERIARLIEEGYPCYTTSAGWLGYSDEKLRRLCREARAAGFTHTKFKVGRDLSDDIRRLTIAREELGED
MNIMIDANQVWEVDEAIDWVNRLAFARPLFIEEPTSPDDVLGHKAIREGVAPIKVATGEMCQNRIMFKQFIASGALDIVQ
IDSCRMGGLNEVLAVMLVAAKYDLPVWPHAGGVGLCEYVQHMSMIDYVAICGEKDSKRIEYVDHLHEHFKHPCIVTGGAY
QAPHAPGFSIEMKEDTLDAFLFSDG
;
_entity_poly.pdbx_strand_id   A,B
#
loop_
_chem_comp.id
_chem_comp.type
_chem_comp.name
_chem_comp.formula
EHM non-polymer (2R,3R)-N,2,3,4-TETRAHYDROXYBUTANAMIDE 'C4 H9 N O5'
GOL non-polymer GLYCEROL 'C3 H8 O3'
MG non-polymer 'MAGNESIUM ION' 'Mg 2'
#
# COMPACT_ATOMS: atom_id res chain seq x y z
N THR A 2 20.95 22.56 -16.67
CA THR A 2 19.70 22.77 -15.95
C THR A 2 19.75 22.10 -14.59
N LYS A 3 19.35 22.82 -13.56
CA LYS A 3 19.38 22.32 -12.20
C LYS A 3 18.03 22.58 -11.54
N ILE A 4 17.53 21.59 -10.81
CA ILE A 4 16.27 21.76 -10.09
C ILE A 4 16.53 22.59 -8.84
N THR A 5 16.05 23.83 -8.86
CA THR A 5 16.45 24.80 -7.84
C THR A 5 15.44 25.00 -6.71
N GLY A 6 14.22 24.51 -6.91
CA GLY A 6 13.17 24.64 -5.92
C GLY A 6 11.91 23.92 -6.33
N LEU A 7 10.87 24.01 -5.50
CA LEU A 7 9.57 23.46 -5.88
C LEU A 7 8.41 24.16 -5.17
N ARG A 8 7.28 24.24 -5.86
CA ARG A 8 6.05 24.80 -5.31
C ARG A 8 4.97 23.72 -5.39
N THR A 9 4.12 23.65 -4.36
CA THR A 9 2.98 22.74 -4.39
C THR A 9 1.63 23.47 -4.33
N TYR A 10 0.60 22.85 -4.89
CA TYR A 10 -0.74 23.43 -4.92
C TYR A 10 -1.74 22.35 -4.59
N ASP A 11 -2.55 22.60 -3.57
CA ASP A 11 -3.63 21.71 -3.22
C ASP A 11 -4.83 22.15 -4.05
N LEU A 12 -5.05 21.48 -5.19
CA LEU A 12 -6.12 21.91 -6.11
C LEU A 12 -7.31 20.98 -6.01
N ARG A 13 -8.49 21.55 -5.76
CA ARG A 13 -9.71 20.76 -5.64
C ARG A 13 -10.86 21.33 -6.48
N PHE A 14 -11.48 20.48 -7.30
CA PHE A 14 -12.54 20.89 -8.21
C PHE A 14 -13.89 20.36 -7.73
N PRO A 15 -14.91 21.22 -7.71
CA PRO A 15 -16.23 20.84 -7.17
C PRO A 15 -17.00 19.90 -8.10
N THR A 16 -16.45 18.73 -8.41
CA THR A 16 -17.12 17.82 -9.32
C THR A 16 -18.38 17.17 -8.72
N SER A 17 -18.48 17.23 -7.39
CA SER A 17 -19.64 16.66 -6.71
C SER A 17 -20.92 17.47 -6.97
N GLU A 18 -20.78 18.68 -7.52
CA GLU A 18 -21.95 19.48 -7.91
C GLU A 18 -22.89 18.69 -8.82
N GLY A 19 -22.33 18.05 -9.84
CA GLY A 19 -23.13 17.28 -10.77
C GLY A 19 -22.94 15.80 -10.61
N LEU A 20 -22.25 15.40 -9.55
CA LEU A 20 -21.89 13.99 -9.33
C LEU A 20 -21.08 13.41 -10.48
N ASP A 21 -20.28 14.24 -11.15
CA ASP A 21 -19.36 13.75 -12.16
C ASP A 21 -18.33 12.91 -11.43
N GLY A 22 -18.05 11.72 -11.93
CA GLY A 22 -17.09 10.86 -11.26
C GLY A 22 -17.70 9.88 -10.27
N SER A 23 -18.99 10.07 -9.96
CA SER A 23 -19.64 9.25 -8.92
C SER A 23 -19.70 7.76 -9.26
N ASP A 24 -19.48 6.91 -8.27
CA ASP A 24 -19.54 5.47 -8.47
C ASP A 24 -20.03 4.74 -7.20
N ALA A 25 -19.99 3.42 -7.22
CA ALA A 25 -20.54 2.66 -6.10
C ALA A 25 -19.72 2.84 -4.81
N MET A 26 -18.40 3.03 -4.93
CA MET A 26 -17.56 3.28 -3.75
C MET A 26 -17.52 4.75 -3.38
N ASN A 27 -17.40 5.60 -4.41
CA ASN A 27 -17.18 7.03 -4.22
C ASN A 27 -18.38 7.81 -4.72
N PRO A 28 -19.33 8.10 -3.80
CA PRO A 28 -20.61 8.71 -4.18
C PRO A 28 -20.51 10.17 -4.60
N ASP A 29 -19.55 10.90 -4.05
CA ASP A 29 -19.47 12.33 -4.33
C ASP A 29 -18.02 12.86 -4.43
N PRO A 30 -17.21 12.27 -5.33
CA PRO A 30 -15.81 12.69 -5.39
C PRO A 30 -15.66 14.13 -5.83
N ASP A 31 -14.69 14.82 -5.21
CA ASP A 31 -14.27 16.15 -5.61
C ASP A 31 -12.90 16.05 -6.24
N TYR A 32 -12.88 15.93 -7.57
CA TYR A 32 -11.65 15.73 -8.32
C TYR A 32 -10.57 16.73 -7.93
N SER A 33 -9.44 16.21 -7.47
CA SER A 33 -8.38 17.04 -6.92
C SER A 33 -7.01 16.66 -7.49
N ALA A 34 -6.10 17.62 -7.44
CA ALA A 34 -4.71 17.32 -7.78
C ALA A 34 -3.79 17.88 -6.71
N ALA A 35 -2.86 17.03 -6.28
CA ALA A 35 -1.71 17.47 -5.50
C ALA A 35 -0.69 17.81 -6.57
N TYR A 36 -0.58 19.10 -6.86
CA TYR A 36 0.11 19.59 -8.05
C TYR A 36 1.49 20.10 -7.64
N VAL A 37 2.51 19.81 -8.44
CA VAL A 37 3.86 20.23 -8.13
C VAL A 37 4.54 20.90 -9.33
N ILE A 38 5.31 21.95 -9.05
CA ILE A 38 6.12 22.59 -10.05
C ILE A 38 7.58 22.58 -9.60
N LEU A 39 8.44 21.96 -10.41
CA LEU A 39 9.88 21.96 -10.15
C LEU A 39 10.50 23.17 -10.83
N GLU A 40 11.17 24.00 -10.03
CA GLU A 40 11.77 25.23 -10.54
C GLU A 40 13.17 24.94 -11.04
N THR A 41 13.63 25.73 -12.02
CA THR A 41 15.00 25.65 -12.51
C THR A 41 15.58 27.06 -12.69
N GLU A 42 16.83 27.11 -13.13
CA GLU A 42 17.49 28.38 -13.42
C GLU A 42 16.96 28.95 -14.74
N GLY A 43 16.53 28.04 -15.61
CA GLY A 43 16.22 28.39 -16.98
C GLY A 43 14.80 28.83 -17.26
N THR A 44 14.32 28.48 -18.45
CA THR A 44 13.04 28.97 -18.95
C THR A 44 11.93 27.96 -18.78
N HIS A 45 12.27 26.73 -18.41
CA HIS A 45 11.27 25.70 -18.23
C HIS A 45 11.04 25.39 -16.75
N GLU A 46 9.83 24.95 -16.43
CA GLU A 46 9.55 24.40 -15.11
C GLU A 46 8.86 23.07 -15.32
N GLY A 47 9.15 22.11 -14.46
CA GLY A 47 8.55 20.79 -14.57
C GLY A 47 7.26 20.71 -13.77
N HIS A 48 6.14 20.58 -14.47
CA HIS A 48 4.83 20.47 -13.85
C HIS A 48 4.41 19.01 -13.77
N GLY A 49 3.84 18.64 -12.63
CA GLY A 49 3.30 17.30 -12.46
C GLY A 49 2.20 17.32 -11.42
N LEU A 50 1.42 16.24 -11.37
CA LEU A 50 0.40 16.12 -10.34
C LEU A 50 0.15 14.67 -10.01
N THR A 51 -0.52 14.43 -8.88
CA THR A 51 -1.12 13.15 -8.63
C THR A 51 -2.59 13.41 -8.29
N PHE A 52 -3.44 12.45 -8.64
CA PHE A 52 -4.89 12.66 -8.58
C PHE A 52 -5.53 12.06 -7.33
N THR A 53 -6.37 12.84 -6.66
CA THR A 53 -7.20 12.34 -5.56
C THR A 53 -8.64 12.82 -5.72
N ILE A 54 -9.51 12.49 -4.78
CA ILE A 54 -10.92 12.89 -4.89
C ILE A 54 -11.40 13.77 -3.75
N GLY A 55 -10.50 14.58 -3.19
CA GLY A 55 -10.90 15.59 -2.24
C GLY A 55 -10.14 15.56 -0.93
N ARG A 56 -10.84 15.21 0.15
CA ARG A 56 -10.21 15.07 1.46
C ARG A 56 -9.03 14.09 1.35
N GLY A 57 -7.91 14.45 1.94
CA GLY A 57 -6.72 13.62 1.88
C GLY A 57 -5.70 14.13 0.86
N ASN A 58 -6.12 15.04 -0.02
CA ASN A 58 -5.19 15.63 -0.99
C ASN A 58 -4.01 16.29 -0.25
N GLU A 59 -4.30 16.82 0.93
CA GLU A 59 -3.28 17.50 1.71
C GLU A 59 -2.23 16.55 2.26
N ILE A 60 -2.57 15.27 2.38
CA ILE A 60 -1.60 14.26 2.80
C ILE A 60 -0.60 14.01 1.67
N CYS A 61 -1.10 13.98 0.43
CA CYS A 61 -0.23 13.88 -0.73
C CYS A 61 0.66 15.12 -0.85
N ILE A 62 0.10 16.28 -0.56
CA ILE A 62 0.88 17.50 -0.56
C ILE A 62 2.06 17.35 0.41
N ALA A 63 1.79 16.92 1.64
CA ALA A 63 2.86 16.74 2.63
C ALA A 63 3.92 15.76 2.13
N ALA A 64 3.48 14.71 1.45
CA ALA A 64 4.40 13.71 0.94
C ALA A 64 5.26 14.25 -0.22
N ILE A 65 4.65 15.07 -1.07
CA ILE A 65 5.41 15.73 -2.13
C ILE A 65 6.51 16.62 -1.55
N LYS A 66 6.14 17.40 -0.54
CA LYS A 66 7.11 18.27 0.13
C LYS A 66 8.26 17.44 0.69
N ALA A 67 7.96 16.27 1.21
CA ALA A 67 8.98 15.38 1.75
C ALA A 67 9.93 14.91 0.65
N LEU A 68 9.37 14.54 -0.50
CA LEU A 68 10.19 14.08 -1.63
C LEU A 68 11.09 15.19 -2.17
N GLY A 69 10.63 16.43 -2.02
CA GLY A 69 11.38 17.60 -2.46
C GLY A 69 12.81 17.62 -1.96
N ALA A 70 13.03 17.08 -0.77
CA ALA A 70 14.37 17.01 -0.19
C ALA A 70 15.30 16.13 -1.03
N LEU A 71 14.72 15.21 -1.80
CA LEU A 71 15.51 14.30 -2.61
C LEU A 71 15.78 14.84 -4.01
N VAL A 72 15.00 15.83 -4.41
CA VAL A 72 15.00 16.30 -5.80
C VAL A 72 15.62 17.69 -5.97
N VAL A 73 15.33 18.60 -5.05
CA VAL A 73 15.89 19.94 -5.10
C VAL A 73 17.40 19.91 -4.98
N GLY A 74 18.08 20.52 -5.96
CA GLY A 74 19.53 20.53 -5.96
C GLY A 74 20.10 19.56 -6.98
N LEU A 75 19.24 18.70 -7.53
CA LEU A 75 19.69 17.75 -8.54
C LEU A 75 19.94 18.42 -9.88
N ASP A 76 21.00 18.01 -10.55
CA ASP A 76 21.25 18.45 -11.90
C ASP A 76 20.52 17.52 -12.87
N LEU A 77 19.87 18.11 -13.87
CA LEU A 77 19.04 17.36 -14.81
C LEU A 77 19.83 16.35 -15.64
N ASP A 78 21.08 16.67 -15.97
CA ASP A 78 21.93 15.75 -16.72
C ASP A 78 22.19 14.48 -15.91
N TRP A 79 22.39 14.61 -14.61
CA TRP A 79 22.59 13.43 -13.75
C TRP A 79 21.36 12.53 -13.80
N ILE A 80 20.18 13.15 -13.77
CA ILE A 80 18.92 12.41 -13.90
C ILE A 80 18.84 11.73 -15.26
N ARG A 81 19.08 12.51 -16.31
CA ARG A 81 18.95 12.01 -17.67
C ARG A 81 19.92 10.89 -18.02
N GLU A 82 21.12 10.93 -17.45
CA GLU A 82 22.12 9.93 -17.81
C GLU A 82 21.78 8.53 -17.28
N ASP A 83 20.98 8.46 -16.21
CA ASP A 83 20.49 7.18 -15.70
C ASP A 83 19.21 7.43 -14.91
N MET A 84 18.09 7.27 -15.59
CA MET A 84 16.78 7.59 -15.04
C MET A 84 16.38 6.55 -14.01
N GLY A 85 16.80 5.31 -14.23
CA GLY A 85 16.52 4.24 -13.29
C GLY A 85 17.18 4.53 -11.96
N ARG A 86 18.39 5.08 -12.02
CA ARG A 86 19.13 5.50 -10.84
C ARG A 86 18.39 6.62 -10.09
N PHE A 87 17.90 7.61 -10.84
CA PHE A 87 17.14 8.68 -10.23
C PHE A 87 15.88 8.14 -9.55
N TRP A 88 15.19 7.22 -10.23
CA TRP A 88 13.96 6.63 -9.69
C TRP A 88 14.24 5.89 -8.38
N ARG A 89 15.33 5.13 -8.34
CA ARG A 89 15.73 4.43 -7.13
C ARG A 89 16.01 5.44 -6.04
N HIS A 90 16.66 6.54 -6.41
CA HIS A 90 17.02 7.58 -5.46
C HIS A 90 15.78 8.24 -4.86
N VAL A 91 14.80 8.54 -5.70
CA VAL A 91 13.62 9.27 -5.22
C VAL A 91 12.69 8.38 -4.40
N THR A 92 12.69 7.07 -4.66
CA THR A 92 11.85 6.15 -3.91
C THR A 92 12.63 5.36 -2.86
N GLY A 93 13.92 5.67 -2.72
CA GLY A 93 14.80 4.86 -1.90
C GLY A 93 15.38 5.49 -0.64
N ASP A 94 14.81 6.60 -0.19
CA ASP A 94 15.10 7.08 1.15
C ASP A 94 14.42 6.09 2.10
N SER A 95 15.21 5.29 2.81
CA SER A 95 14.69 4.22 3.65
C SER A 95 13.67 4.71 4.66
N GLN A 96 13.83 5.95 5.10
CA GLN A 96 12.88 6.55 6.03
C GLN A 96 11.55 6.89 5.35
N LEU A 97 11.61 7.51 4.17
CA LEU A 97 10.37 7.76 3.43
C LEU A 97 9.75 6.45 2.95
N ARG A 98 10.59 5.45 2.69
CA ARG A 98 10.10 4.10 2.33
C ARG A 98 9.19 3.51 3.39
N TRP A 99 9.52 3.75 4.66
CA TRP A 99 8.76 3.22 5.78
C TRP A 99 7.28 3.58 5.67
N ILE A 100 7.02 4.74 5.07
CA ILE A 100 5.67 5.28 4.96
C ILE A 100 4.89 4.54 3.87
N GLY A 101 5.62 3.87 2.98
CA GLY A 101 5.03 2.99 1.98
C GLY A 101 5.26 1.53 2.38
N PRO A 102 6.21 0.84 1.72
CA PRO A 102 7.03 1.35 0.60
C PRO A 102 6.28 1.26 -0.73
N ASP A 103 6.48 2.24 -1.60
CA ASP A 103 5.88 2.25 -2.93
C ASP A 103 4.37 1.97 -2.89
N LYS A 104 3.68 2.68 -2.00
CA LYS A 104 2.22 2.57 -1.91
C LYS A 104 1.69 3.75 -1.12
N GLY A 105 0.39 3.98 -1.22
CA GLY A 105 -0.24 5.05 -0.46
C GLY A 105 0.26 6.44 -0.82
N ALA A 106 0.12 7.36 0.14
CA ALA A 106 0.47 8.76 -0.05
C ALA A 106 1.88 8.99 -0.61
N ILE A 107 2.87 8.27 -0.08
CA ILE A 107 4.25 8.56 -0.45
C ILE A 107 4.48 8.22 -1.94
N HIS A 108 3.76 7.25 -2.46
CA HIS A 108 3.97 6.81 -3.83
C HIS A 108 3.14 7.63 -4.84
N LEU A 109 1.91 7.99 -4.46
CA LEU A 109 1.14 8.98 -5.21
C LEU A 109 2.01 10.21 -5.40
N ALA A 110 2.65 10.66 -4.31
CA ALA A 110 3.54 11.82 -4.37
C ALA A 110 4.71 11.57 -5.30
N ALA A 111 5.25 10.34 -5.28
CA ALA A 111 6.34 9.97 -6.20
C ALA A 111 5.89 10.10 -7.65
N GLY A 112 4.65 9.70 -7.94
CA GLY A 112 4.12 9.80 -9.29
C GLY A 112 4.12 11.22 -9.78
N ALA A 113 3.70 12.14 -8.91
CA ALA A 113 3.68 13.55 -9.25
C ALA A 113 5.10 14.06 -9.53
N VAL A 114 6.03 13.74 -8.64
CA VAL A 114 7.39 14.25 -8.75
C VAL A 114 8.13 13.65 -9.95
N VAL A 115 8.03 12.34 -10.12
CA VAL A 115 8.66 11.67 -11.24
C VAL A 115 8.13 12.22 -12.56
N ASN A 116 6.81 12.31 -12.69
CA ASN A 116 6.24 12.83 -13.92
C ASN A 116 6.58 14.30 -14.17
N ALA A 117 6.73 15.07 -13.11
CA ALA A 117 7.14 16.47 -13.26
C ALA A 117 8.54 16.56 -13.87
N VAL A 118 9.42 15.64 -13.47
CA VAL A 118 10.76 15.60 -14.03
C VAL A 118 10.68 15.31 -15.52
N TRP A 119 9.87 14.32 -15.89
CA TRP A 119 9.62 14.01 -17.29
C TRP A 119 9.13 15.23 -18.08
N ASP A 120 8.24 16.01 -17.48
CA ASP A 120 7.72 17.22 -18.14
C ASP A 120 8.86 18.19 -18.43
N LEU A 121 9.76 18.35 -17.44
CA LEU A 121 10.89 19.27 -17.57
C LEU A 121 11.85 18.78 -18.64
N TRP A 122 12.17 17.50 -18.61
CA TRP A 122 13.05 16.90 -19.60
C TRP A 122 12.47 17.09 -21.01
N ALA A 123 11.18 16.81 -21.16
CA ALA A 123 10.55 16.88 -22.48
C ALA A 123 10.54 18.33 -23.01
N LYS A 124 10.29 19.28 -22.12
CA LYS A 124 10.34 20.69 -22.46
C LYS A 124 11.75 21.12 -22.85
N ASP A 125 12.73 20.63 -22.12
CA ASP A 125 14.11 21.03 -22.38
C ASP A 125 14.56 20.60 -23.77
N THR A 126 14.13 19.42 -24.21
CA THR A 126 14.55 18.92 -25.52
C THR A 126 13.57 19.26 -26.62
N GLY A 127 12.40 19.80 -26.25
CA GLY A 127 11.47 20.27 -27.26
C GLY A 127 10.54 19.24 -27.88
N LYS A 128 10.16 18.23 -27.11
CA LYS A 128 9.34 17.14 -27.63
C LYS A 128 8.22 16.81 -26.64
N PRO A 129 7.10 16.27 -27.13
CA PRO A 129 6.12 15.66 -26.21
C PRO A 129 6.78 14.46 -25.55
N VAL A 130 6.36 14.10 -24.34
CA VAL A 130 6.98 13.00 -23.62
C VAL A 130 6.97 11.69 -24.42
N TRP A 131 5.85 11.37 -25.08
CA TRP A 131 5.76 10.09 -25.81
C TRP A 131 6.90 9.97 -26.84
N ARG A 132 7.19 11.07 -27.53
CA ARG A 132 8.21 11.03 -28.58
C ARG A 132 9.61 11.09 -28.00
N LEU A 133 9.76 11.79 -26.87
CA LEU A 133 11.02 11.81 -26.16
C LEU A 133 11.45 10.37 -25.87
N VAL A 134 10.50 9.56 -25.39
CA VAL A 134 10.83 8.18 -25.07
C VAL A 134 10.91 7.28 -26.30
N ALA A 135 9.99 7.48 -27.25
CA ALA A 135 9.96 6.73 -28.50
C ALA A 135 11.25 6.87 -29.32
N ASP A 136 11.88 8.05 -29.27
CA ASP A 136 13.13 8.30 -30.01
C ASP A 136 14.32 7.60 -29.36
N MET A 137 14.11 6.96 -28.21
CA MET A 137 15.20 6.31 -27.49
C MET A 137 15.49 4.91 -28.02
N SER A 138 16.77 4.54 -28.04
CA SER A 138 17.17 3.18 -28.33
C SER A 138 16.61 2.27 -27.24
N PRO A 139 16.50 0.96 -27.52
CA PRO A 139 16.07 0.00 -26.51
C PRO A 139 16.92 0.08 -25.22
N ALA A 140 18.23 0.25 -25.36
CA ALA A 140 19.09 0.32 -24.19
C ALA A 140 18.79 1.54 -23.35
N GLU A 141 18.51 2.66 -24.01
CA GLU A 141 18.21 3.89 -23.29
C GLU A 141 16.87 3.81 -22.55
N ILE A 142 15.89 3.12 -23.13
CA ILE A 142 14.60 2.94 -22.47
C ILE A 142 14.76 1.99 -21.27
N LEU A 143 15.50 0.90 -21.47
CA LEU A 143 15.79 -0.04 -20.41
C LEU A 143 16.39 0.70 -19.22
N ARG A 144 17.27 1.65 -19.53
CA ARG A 144 17.97 2.42 -18.51
C ARG A 144 17.03 3.24 -17.63
N LEU A 145 15.84 3.51 -18.13
CA LEU A 145 14.87 4.32 -17.40
C LEU A 145 14.29 3.59 -16.20
N ILE A 146 14.37 2.26 -16.23
CA ILE A 146 13.57 1.45 -15.31
C ILE A 146 14.36 0.89 -14.13
N ASP A 147 13.78 1.01 -12.94
CA ASP A 147 14.30 0.34 -11.75
C ASP A 147 13.60 -1.01 -11.65
N PHE A 148 14.37 -2.08 -11.84
CA PHE A 148 13.81 -3.42 -11.89
C PHE A 148 13.72 -4.15 -10.55
N ARG A 149 14.06 -3.48 -9.45
CA ARG A 149 14.07 -4.18 -8.16
C ARG A 149 12.68 -4.75 -7.84
N TYR A 150 12.67 -6.01 -7.40
CA TYR A 150 11.45 -6.77 -7.10
C TYR A 150 10.67 -7.23 -8.33
N LEU A 151 11.29 -7.14 -9.51
CA LEU A 151 10.68 -7.63 -10.73
C LEU A 151 11.39 -8.85 -11.32
N THR A 152 12.63 -9.11 -10.89
CA THR A 152 13.49 -10.03 -11.66
C THR A 152 13.06 -11.50 -11.67
N ASP A 153 12.13 -11.88 -10.79
CA ASP A 153 11.67 -13.27 -10.79
C ASP A 153 10.67 -13.53 -11.91
N VAL A 154 10.10 -12.48 -12.49
CA VAL A 154 9.22 -12.64 -13.67
C VAL A 154 9.71 -11.88 -14.92
N LEU A 155 10.34 -10.72 -14.72
CA LEU A 155 10.97 -10.00 -15.82
C LEU A 155 12.27 -9.37 -15.35
N ALA A 156 13.39 -9.92 -15.79
CA ALA A 156 14.71 -9.38 -15.51
C ALA A 156 15.13 -8.47 -16.67
N PRO A 157 16.09 -7.55 -16.42
CA PRO A 157 16.52 -6.58 -17.42
C PRO A 157 16.93 -7.20 -18.75
N GLU A 158 17.57 -8.36 -18.72
CA GLU A 158 17.98 -9.04 -19.95
C GLU A 158 16.78 -9.30 -20.85
N GLU A 159 15.72 -9.87 -20.28
CA GLU A 159 14.55 -10.22 -21.06
C GLU A 159 13.75 -8.97 -21.47
N ALA A 160 13.71 -7.97 -20.61
CA ALA A 160 13.06 -6.71 -20.98
C ALA A 160 13.75 -6.08 -22.20
N LEU A 161 15.07 -6.18 -22.27
CA LEU A 161 15.81 -5.64 -23.41
C LEU A 161 15.42 -6.38 -24.70
N ASP A 162 15.26 -7.70 -24.61
CA ASP A 162 14.85 -8.50 -25.76
C ASP A 162 13.52 -8.02 -26.32
N LEU A 163 12.55 -7.80 -25.43
CA LEU A 163 11.27 -7.23 -25.81
C LEU A 163 11.46 -5.90 -26.53
N LEU A 164 12.27 -5.04 -25.94
CA LEU A 164 12.51 -3.71 -26.48
C LEU A 164 13.23 -3.76 -27.83
N LYS A 165 14.21 -4.65 -27.95
CA LYS A 165 14.93 -4.82 -29.21
C LYS A 165 14.02 -5.37 -30.31
N ALA A 166 13.09 -6.26 -29.92
CA ALA A 166 12.16 -6.82 -30.88
C ALA A 166 11.23 -5.76 -31.47
N ALA A 167 10.82 -4.81 -30.64
CA ALA A 167 9.93 -3.73 -31.07
C ALA A 167 10.67 -2.69 -31.90
N GLU A 168 11.99 -2.68 -31.78
CA GLU A 168 12.85 -1.68 -32.39
C GLU A 168 12.67 -1.42 -33.90
N PRO A 169 12.70 -2.48 -34.73
CA PRO A 169 12.68 -2.22 -36.18
C PRO A 169 11.39 -1.57 -36.69
N GLY A 170 10.27 -1.85 -36.04
CA GLY A 170 8.99 -1.36 -36.53
C GLY A 170 8.57 0.02 -36.05
N LYS A 171 9.40 0.65 -35.21
CA LYS A 171 9.05 1.93 -34.60
C LYS A 171 8.65 3.00 -35.62
N GLU A 172 9.47 3.18 -36.65
CA GLU A 172 9.25 4.20 -37.67
C GLU A 172 7.85 4.08 -38.28
N GLU A 173 7.45 2.86 -38.63
CA GLU A 173 6.15 2.64 -39.25
C GLU A 173 5.00 2.95 -38.29
N ARG A 174 5.17 2.57 -37.03
CA ARG A 174 4.12 2.78 -36.04
C ARG A 174 3.92 4.25 -35.73
N ILE A 175 5.01 5.00 -35.69
CA ILE A 175 4.93 6.44 -35.49
C ILE A 175 4.09 7.08 -36.59
N ALA A 176 4.39 6.72 -37.85
CA ALA A 176 3.64 7.25 -38.98
C ALA A 176 2.17 6.93 -38.80
N ARG A 177 1.90 5.70 -38.39
CA ARG A 177 0.54 5.23 -38.22
C ARG A 177 -0.18 5.96 -37.08
N LEU A 178 0.56 6.27 -36.03
CA LEU A 178 0.01 7.03 -34.91
C LEU A 178 -0.37 8.46 -35.37
N ILE A 179 0.53 9.09 -36.12
CA ILE A 179 0.29 10.44 -36.65
C ILE A 179 -0.94 10.45 -37.52
N GLU A 180 -1.11 9.37 -38.27
CA GLU A 180 -2.26 9.17 -39.14
C GLU A 180 -3.58 8.80 -38.43
N GLU A 181 -3.52 7.91 -37.43
CA GLU A 181 -4.73 7.29 -36.89
C GLU A 181 -5.03 7.65 -35.44
N GLY A 182 -4.05 8.21 -34.74
CA GLY A 182 -4.19 8.38 -33.31
C GLY A 182 -4.23 7.05 -32.58
N TYR A 183 -4.77 7.06 -31.36
CA TYR A 183 -4.86 5.85 -30.54
C TYR A 183 -6.29 5.72 -30.03
N PRO A 184 -6.96 4.60 -30.33
CA PRO A 184 -8.38 4.43 -29.97
C PRO A 184 -8.62 4.55 -28.46
N CYS A 185 -9.76 5.12 -28.11
CA CYS A 185 -10.12 5.29 -26.70
C CYS A 185 -11.60 5.00 -26.45
N TYR A 186 -11.92 4.58 -25.23
CA TYR A 186 -13.30 4.41 -24.83
C TYR A 186 -13.72 5.55 -23.96
N THR A 187 -15.03 5.69 -23.74
CA THR A 187 -15.53 6.79 -22.93
C THR A 187 -16.32 6.34 -21.70
N THR A 188 -16.07 7.02 -20.58
CA THR A 188 -16.78 6.78 -19.32
C THR A 188 -17.72 7.94 -19.05
N SER A 189 -17.77 8.89 -19.99
CA SER A 189 -18.52 10.13 -19.80
C SER A 189 -20.01 9.91 -19.52
N ALA A 190 -20.56 8.81 -20.01
CA ALA A 190 -21.99 8.54 -19.82
C ALA A 190 -22.28 7.68 -18.60
N GLY A 191 -21.24 7.18 -17.95
CA GLY A 191 -21.40 6.06 -17.02
C GLY A 191 -21.53 6.34 -15.54
N TRP A 192 -21.36 7.59 -15.11
CA TRP A 192 -21.34 7.88 -13.67
C TRP A 192 -22.63 7.51 -12.97
N LEU A 193 -22.50 6.90 -11.78
CA LEU A 193 -23.62 6.24 -11.12
C LEU A 193 -24.72 7.20 -10.64
N GLY A 194 -24.36 8.44 -10.38
CA GLY A 194 -25.32 9.41 -9.85
C GLY A 194 -26.19 10.11 -10.87
N TYR A 195 -25.88 9.93 -12.16
CA TYR A 195 -26.65 10.58 -13.22
C TYR A 195 -28.08 10.04 -13.29
N SER A 196 -29.02 10.93 -13.60
CA SER A 196 -30.40 10.51 -13.82
C SER A 196 -30.50 9.65 -15.09
N ASP A 197 -31.64 8.98 -15.26
CA ASP A 197 -31.84 8.15 -16.44
C ASP A 197 -31.88 9.00 -17.70
N GLU A 198 -32.49 10.19 -17.60
CA GLU A 198 -32.57 11.11 -18.72
C GLU A 198 -31.17 11.52 -19.18
N LYS A 199 -30.33 11.90 -18.23
CA LYS A 199 -28.97 12.33 -18.54
C LYS A 199 -28.19 11.14 -19.11
N LEU A 200 -28.46 9.96 -18.57
CA LEU A 200 -27.84 8.72 -19.07
C LEU A 200 -28.15 8.52 -20.55
N ARG A 201 -29.42 8.65 -20.92
CA ARG A 201 -29.85 8.51 -22.31
C ARG A 201 -29.14 9.51 -23.21
N ARG A 202 -29.14 10.77 -22.80
CA ARG A 202 -28.53 11.82 -23.62
C ARG A 202 -27.05 11.54 -23.86
N LEU A 203 -26.32 11.22 -22.79
CA LEU A 203 -24.88 10.98 -22.91
C LEU A 203 -24.55 9.72 -23.71
N CYS A 204 -25.41 8.71 -23.63
CA CYS A 204 -25.24 7.50 -24.43
C CYS A 204 -25.40 7.84 -25.92
N ARG A 205 -26.42 8.62 -26.25
CA ARG A 205 -26.62 9.05 -27.63
C ARG A 205 -25.43 9.85 -28.15
N GLU A 206 -24.85 10.69 -27.29
CA GLU A 206 -23.72 11.53 -27.66
C GLU A 206 -22.46 10.68 -27.90
N ALA A 207 -22.27 9.69 -27.03
CA ALA A 207 -21.13 8.79 -27.14
C ALA A 207 -21.23 7.95 -28.41
N ARG A 208 -22.45 7.53 -28.74
CA ARG A 208 -22.66 6.74 -29.95
C ARG A 208 -22.43 7.60 -31.18
N ALA A 209 -22.91 8.84 -31.17
CA ALA A 209 -22.77 9.71 -32.34
C ALA A 209 -21.30 10.03 -32.60
N ALA A 210 -20.56 10.22 -31.52
CA ALA A 210 -19.16 10.62 -31.59
C ALA A 210 -18.26 9.56 -32.19
N GLY A 211 -18.76 8.33 -32.29
CA GLY A 211 -17.98 7.26 -32.88
C GLY A 211 -17.19 6.38 -31.91
N PHE A 212 -17.41 6.52 -30.62
CA PHE A 212 -16.81 5.57 -29.68
C PHE A 212 -17.39 4.18 -29.96
N THR A 213 -16.55 3.15 -29.86
CA THR A 213 -17.02 1.79 -30.06
C THR A 213 -17.13 1.06 -28.72
N HIS A 214 -16.64 1.72 -27.67
CA HIS A 214 -16.60 1.15 -26.32
C HIS A 214 -17.05 2.19 -25.30
N THR A 215 -17.95 1.82 -24.40
CA THR A 215 -18.48 2.76 -23.42
C THR A 215 -18.62 2.09 -22.06
N LYS A 216 -18.23 2.78 -21.01
CA LYS A 216 -18.15 2.17 -19.68
C LYS A 216 -19.18 2.75 -18.72
N PHE A 217 -19.79 1.88 -17.90
CA PHE A 217 -20.81 2.30 -16.96
C PHE A 217 -20.52 1.85 -15.55
N LYS A 218 -20.89 2.68 -14.58
CA LYS A 218 -20.74 2.31 -13.19
C LYS A 218 -21.86 1.37 -12.74
N VAL A 219 -21.52 0.41 -11.88
CA VAL A 219 -22.49 -0.51 -11.28
C VAL A 219 -22.09 -0.78 -9.84
N GLY A 220 -22.91 -1.54 -9.13
CA GLY A 220 -22.46 -2.12 -7.88
C GLY A 220 -23.11 -1.64 -6.61
N ARG A 221 -23.96 -0.62 -6.70
CA ARG A 221 -24.62 -0.09 -5.51
C ARG A 221 -25.98 -0.74 -5.31
N ASP A 222 -26.72 -0.90 -6.39
CA ASP A 222 -28.05 -1.49 -6.33
C ASP A 222 -28.29 -2.29 -7.61
N LEU A 223 -28.59 -3.56 -7.44
CA LEU A 223 -28.73 -4.48 -8.56
C LEU A 223 -29.85 -4.07 -9.51
N SER A 224 -30.98 -3.69 -8.91
CA SER A 224 -32.14 -3.24 -9.67
C SER A 224 -31.80 -2.01 -10.51
N ASP A 225 -31.02 -1.09 -9.94
CA ASP A 225 -30.56 0.08 -10.66
C ASP A 225 -29.70 -0.33 -11.84
N ASP A 226 -28.78 -1.28 -11.61
CA ASP A 226 -27.83 -1.71 -12.63
C ASP A 226 -28.54 -2.36 -13.81
N ILE A 227 -29.52 -3.21 -13.50
CA ILE A 227 -30.31 -3.86 -14.53
C ILE A 227 -31.05 -2.86 -15.42
N ARG A 228 -31.68 -1.86 -14.80
CA ARG A 228 -32.44 -0.84 -15.52
C ARG A 228 -31.53 0.05 -16.36
N ARG A 229 -30.45 0.52 -15.74
CA ARG A 229 -29.50 1.41 -16.41
C ARG A 229 -28.82 0.74 -17.61
N LEU A 230 -28.38 -0.50 -17.43
CA LEU A 230 -27.73 -1.23 -18.52
C LEU A 230 -28.73 -1.58 -19.62
N THR A 231 -29.98 -1.80 -19.25
CA THR A 231 -31.03 -2.01 -20.26
C THR A 231 -31.22 -0.74 -21.09
N ILE A 232 -31.25 0.40 -20.41
CA ILE A 232 -31.32 1.70 -21.08
C ILE A 232 -30.10 1.96 -21.97
N ALA A 233 -28.91 1.68 -21.43
CA ALA A 233 -27.68 1.92 -22.16
C ALA A 233 -27.66 1.12 -23.47
N ARG A 234 -27.96 -0.17 -23.38
CA ARG A 234 -27.95 -1.02 -24.58
C ARG A 234 -28.95 -0.48 -25.59
N GLU A 235 -30.10 -0.04 -25.09
CA GLU A 235 -31.14 0.51 -25.94
C GLU A 235 -30.67 1.75 -26.68
N GLU A 236 -30.00 2.66 -25.96
CA GLU A 236 -29.55 3.91 -26.56
C GLU A 236 -28.28 3.76 -27.40
N LEU A 237 -27.39 2.83 -27.00
CA LEU A 237 -26.07 2.75 -27.64
C LEU A 237 -26.10 1.86 -28.88
N GLY A 238 -27.01 0.90 -28.90
CA GLY A 238 -27.14 0.01 -30.05
C GLY A 238 -26.41 -1.30 -29.83
N GLU A 239 -26.66 -2.27 -30.69
CA GLU A 239 -26.08 -3.60 -30.53
C GLU A 239 -24.58 -3.66 -30.82
N ASP A 240 -24.10 -2.82 -31.74
CA ASP A 240 -22.69 -2.82 -32.09
C ASP A 240 -21.78 -2.30 -30.99
N MET A 241 -22.33 -1.50 -30.07
CA MET A 241 -21.52 -0.91 -29.01
C MET A 241 -20.98 -1.95 -28.04
N ASN A 242 -19.72 -1.76 -27.63
CA ASN A 242 -19.15 -2.57 -26.57
C ASN A 242 -19.36 -1.86 -25.26
N ILE A 243 -19.98 -2.56 -24.32
CA ILE A 243 -20.30 -2.01 -23.01
C ILE A 243 -19.41 -2.67 -21.97
N MET A 244 -18.79 -1.86 -21.11
CA MET A 244 -18.03 -2.38 -19.98
C MET A 244 -18.64 -1.85 -18.69
N ILE A 245 -18.39 -2.54 -17.58
CA ILE A 245 -18.90 -2.11 -16.28
C ILE A 245 -17.79 -2.05 -15.22
N ASP A 246 -17.98 -1.18 -14.23
CA ASP A 246 -16.98 -0.90 -13.20
C ASP A 246 -17.68 -0.85 -11.86
N ALA A 247 -17.25 -1.71 -10.92
CA ALA A 247 -17.87 -1.78 -9.58
C ALA A 247 -17.06 -1.05 -8.49
N ASN A 248 -15.90 -0.53 -8.86
CA ASN A 248 -15.08 0.24 -7.94
C ASN A 248 -14.81 -0.45 -6.59
N GLN A 249 -14.52 -1.76 -6.63
CA GLN A 249 -13.98 -2.53 -5.49
C GLN A 249 -15.01 -2.97 -4.45
N VAL A 250 -16.29 -2.66 -4.63
CA VAL A 250 -17.25 -2.79 -3.52
C VAL A 250 -17.61 -4.22 -3.08
N TRP A 251 -17.36 -5.21 -3.91
CA TRP A 251 -17.89 -6.56 -3.67
C TRP A 251 -16.90 -7.51 -3.03
N GLU A 252 -17.44 -8.50 -2.32
CA GLU A 252 -16.72 -9.70 -1.93
C GLU A 252 -16.62 -10.56 -3.19
N VAL A 253 -15.76 -11.56 -3.16
CA VAL A 253 -15.57 -12.45 -4.31
C VAL A 253 -16.85 -13.17 -4.73
N ASP A 254 -17.53 -13.81 -3.78
CA ASP A 254 -18.74 -14.57 -4.11
C ASP A 254 -19.87 -13.66 -4.61
N GLU A 255 -19.98 -12.51 -3.96
CA GLU A 255 -20.91 -11.45 -4.33
C GLU A 255 -20.64 -10.89 -5.74
N ALA A 256 -19.36 -10.71 -6.07
CA ALA A 256 -19.00 -10.18 -7.39
C ALA A 256 -19.44 -11.12 -8.50
N ILE A 257 -19.24 -12.42 -8.28
CA ILE A 257 -19.57 -13.42 -9.28
C ILE A 257 -21.07 -13.44 -9.56
N ASP A 258 -21.86 -13.49 -8.50
CA ASP A 258 -23.32 -13.48 -8.65
C ASP A 258 -23.86 -12.23 -9.33
N TRP A 259 -23.35 -11.08 -8.95
CA TRP A 259 -23.89 -9.80 -9.40
C TRP A 259 -23.55 -9.57 -10.88
N VAL A 260 -22.30 -9.82 -11.22
CA VAL A 260 -21.83 -9.69 -12.59
C VAL A 260 -22.56 -10.64 -13.52
N ASN A 261 -22.66 -11.91 -13.12
CA ASN A 261 -23.38 -12.87 -13.94
C ASN A 261 -24.85 -12.51 -14.14
N ARG A 262 -25.42 -11.82 -13.17
CA ARG A 262 -26.80 -11.35 -13.27
C ARG A 262 -26.94 -10.24 -14.34
N LEU A 263 -25.83 -9.56 -14.65
CA LEU A 263 -25.85 -8.51 -15.66
C LEU A 263 -25.42 -9.03 -17.03
N ALA A 264 -25.27 -10.35 -17.15
CA ALA A 264 -24.80 -10.97 -18.39
C ALA A 264 -25.61 -10.57 -19.62
N PHE A 265 -26.92 -10.34 -19.44
CA PHE A 265 -27.77 -9.96 -20.57
C PHE A 265 -27.26 -8.72 -21.31
N ALA A 266 -26.53 -7.87 -20.60
CA ALA A 266 -26.07 -6.60 -21.15
C ALA A 266 -24.82 -6.77 -22.03
N ARG A 267 -24.28 -7.99 -22.03
CA ARG A 267 -23.02 -8.31 -22.71
C ARG A 267 -21.81 -7.45 -22.33
N PRO A 268 -21.55 -7.30 -21.02
CA PRO A 268 -20.37 -6.52 -20.64
C PRO A 268 -19.08 -7.22 -21.08
N LEU A 269 -18.20 -6.46 -21.74
CA LEU A 269 -16.91 -6.98 -22.19
C LEU A 269 -16.08 -7.37 -20.98
N PHE A 270 -16.05 -6.50 -19.99
CA PHE A 270 -15.39 -6.81 -18.73
C PHE A 270 -16.06 -6.16 -17.52
N ILE A 271 -15.77 -6.72 -16.35
CA ILE A 271 -16.05 -6.05 -15.08
C ILE A 271 -14.75 -5.47 -14.55
N GLU A 272 -14.77 -4.20 -14.18
CA GLU A 272 -13.58 -3.53 -13.69
C GLU A 272 -13.60 -3.44 -12.17
N GLU A 273 -12.46 -3.71 -11.54
CA GLU A 273 -12.36 -3.71 -10.08
C GLU A 273 -13.56 -4.38 -9.38
N PRO A 274 -13.79 -5.67 -9.65
CA PRO A 274 -14.90 -6.30 -8.93
C PRO A 274 -14.67 -6.37 -7.40
N THR A 275 -13.42 -6.25 -6.96
CA THR A 275 -13.14 -6.32 -5.53
C THR A 275 -11.89 -5.49 -5.18
N SER A 276 -11.40 -5.64 -3.94
CA SER A 276 -10.24 -4.89 -3.45
C SER A 276 -9.06 -4.91 -4.43
N PRO A 277 -8.40 -3.76 -4.61
CA PRO A 277 -7.32 -3.67 -5.59
C PRO A 277 -6.07 -4.43 -5.17
N ASP A 278 -6.06 -4.95 -3.94
CA ASP A 278 -4.94 -5.73 -3.42
C ASP A 278 -5.17 -7.23 -3.56
N ASP A 279 -6.40 -7.63 -3.91
CA ASP A 279 -6.74 -9.04 -3.87
C ASP A 279 -6.48 -9.72 -5.22
N VAL A 280 -5.24 -10.18 -5.40
CA VAL A 280 -4.82 -10.88 -6.62
C VAL A 280 -5.54 -12.22 -6.74
N LEU A 281 -5.50 -13.01 -5.67
CA LEU A 281 -6.14 -14.32 -5.72
C LEU A 281 -7.66 -14.18 -5.84
N GLY A 282 -8.20 -13.13 -5.25
CA GLY A 282 -9.63 -12.85 -5.36
C GLY A 282 -10.07 -12.50 -6.76
N HIS A 283 -9.34 -11.60 -7.42
CA HIS A 283 -9.64 -11.29 -8.82
C HIS A 283 -9.58 -12.54 -9.70
N LYS A 284 -8.60 -13.39 -9.44
CA LYS A 284 -8.46 -14.63 -10.20
C LYS A 284 -9.68 -15.54 -10.03
N ALA A 285 -10.18 -15.66 -8.80
CA ALA A 285 -11.38 -16.45 -8.54
C ALA A 285 -12.62 -15.84 -9.22
N ILE A 286 -12.74 -14.52 -9.15
CA ILE A 286 -13.84 -13.82 -9.81
C ILE A 286 -13.76 -14.05 -11.32
N ARG A 287 -12.54 -13.94 -11.85
CA ARG A 287 -12.30 -14.17 -13.27
C ARG A 287 -12.80 -15.55 -13.71
N GLU A 288 -12.53 -16.57 -12.90
CA GLU A 288 -13.03 -17.90 -13.21
C GLU A 288 -14.55 -18.00 -13.12
N GLY A 289 -15.13 -17.29 -12.14
CA GLY A 289 -16.56 -17.37 -11.93
C GLY A 289 -17.42 -16.62 -12.92
N VAL A 290 -16.88 -15.58 -13.54
CA VAL A 290 -17.71 -14.77 -14.44
C VAL A 290 -17.43 -15.01 -15.93
N ALA A 291 -16.55 -15.96 -16.23
CA ALA A 291 -16.21 -16.31 -17.61
C ALA A 291 -17.49 -16.47 -18.43
N PRO A 292 -17.53 -15.95 -19.66
CA PRO A 292 -16.41 -15.38 -20.43
C PRO A 292 -16.20 -13.88 -20.19
N ILE A 293 -17.02 -13.26 -19.35
CA ILE A 293 -16.84 -11.86 -19.02
C ILE A 293 -15.44 -11.66 -18.46
N LYS A 294 -14.74 -10.66 -18.96
CA LYS A 294 -13.35 -10.45 -18.59
C LYS A 294 -13.23 -9.65 -17.30
N VAL A 295 -12.08 -9.75 -16.65
CA VAL A 295 -11.78 -8.96 -15.48
C VAL A 295 -10.70 -7.93 -15.78
N ALA A 296 -10.98 -6.68 -15.42
CA ALA A 296 -9.99 -5.61 -15.51
C ALA A 296 -9.76 -5.03 -14.13
N THR A 297 -8.53 -4.61 -13.84
CA THR A 297 -8.25 -3.88 -12.60
C THR A 297 -6.94 -3.12 -12.75
N GLY A 298 -6.65 -2.22 -11.81
CA GLY A 298 -5.34 -1.60 -11.81
C GLY A 298 -5.23 -0.12 -11.47
N GLU A 299 -6.33 0.64 -11.57
CA GLU A 299 -6.25 2.08 -11.33
C GLU A 299 -5.74 2.41 -9.93
N MET A 300 -6.01 1.54 -8.97
CA MET A 300 -5.42 1.71 -7.63
C MET A 300 -4.34 0.69 -7.30
N CYS A 301 -3.89 -0.08 -8.28
CA CYS A 301 -2.87 -1.10 -8.01
C CYS A 301 -1.60 -0.35 -7.63
N GLN A 302 -1.02 -0.69 -6.48
CA GLN A 302 -0.07 0.21 -5.82
C GLN A 302 1.29 0.36 -6.51
N ASN A 303 1.77 -0.71 -7.13
CA ASN A 303 3.12 -0.68 -7.70
C ASN A 303 3.37 -1.86 -8.64
N ARG A 304 4.58 -1.94 -9.18
CA ARG A 304 4.98 -2.97 -10.12
C ARG A 304 4.94 -4.36 -9.47
N ILE A 305 5.09 -4.41 -8.15
CA ILE A 305 5.17 -5.70 -7.46
C ILE A 305 3.80 -6.36 -7.42
N MET A 306 2.77 -5.56 -7.22
CA MET A 306 1.40 -6.10 -7.22
C MET A 306 0.99 -6.44 -8.65
N PHE A 307 1.27 -5.51 -9.57
CA PHE A 307 0.94 -5.73 -10.98
C PHE A 307 1.58 -6.98 -11.52
N LYS A 308 2.84 -7.20 -11.14
CA LYS A 308 3.59 -8.36 -11.58
C LYS A 308 2.84 -9.63 -11.21
N GLN A 309 2.33 -9.67 -9.98
CA GLN A 309 1.60 -10.84 -9.48
C GLN A 309 0.23 -11.01 -10.13
N PHE A 310 -0.51 -9.91 -10.29
CA PHE A 310 -1.76 -9.95 -11.04
C PHE A 310 -1.54 -10.57 -12.42
N ILE A 311 -0.50 -10.11 -13.09
CA ILE A 311 -0.21 -10.55 -14.46
C ILE A 311 0.29 -12.00 -14.50
N ALA A 312 1.36 -12.29 -13.77
CA ALA A 312 1.94 -13.63 -13.81
C ALA A 312 0.98 -14.72 -13.34
N SER A 313 0.06 -14.39 -12.42
CA SER A 313 -0.85 -15.42 -11.90
C SER A 313 -2.09 -15.57 -12.78
N GLY A 314 -2.21 -14.72 -13.79
CA GLY A 314 -3.37 -14.75 -14.67
C GLY A 314 -4.65 -14.36 -13.93
N ALA A 315 -4.57 -13.31 -13.12
CA ALA A 315 -5.70 -12.88 -12.30
C ALA A 315 -6.59 -11.84 -12.99
N LEU A 316 -6.18 -11.39 -14.17
CA LEU A 316 -6.91 -10.36 -14.90
C LEU A 316 -6.73 -10.50 -16.41
N ASP A 317 -7.66 -9.92 -17.18
CA ASP A 317 -7.59 -9.95 -18.63
C ASP A 317 -7.09 -8.63 -19.19
N ILE A 318 -7.44 -7.54 -18.50
CA ILE A 318 -7.09 -6.19 -18.93
C ILE A 318 -6.31 -5.47 -17.85
N VAL A 319 -5.13 -4.98 -18.20
CA VAL A 319 -4.24 -4.30 -17.25
C VAL A 319 -4.49 -2.80 -17.31
N GLN A 320 -5.03 -2.24 -16.23
CA GLN A 320 -5.37 -0.82 -16.23
C GLN A 320 -4.38 0.02 -15.42
N ILE A 321 -3.21 0.30 -16.00
CA ILE A 321 -2.24 1.15 -15.30
C ILE A 321 -2.81 2.54 -15.07
N ASP A 322 -2.32 3.20 -14.02
CA ASP A 322 -2.68 4.59 -13.80
C ASP A 322 -1.41 5.40 -13.88
N SER A 323 -1.52 6.60 -14.42
CA SER A 323 -0.35 7.41 -14.71
C SER A 323 0.39 7.91 -13.47
N CYS A 324 -0.33 8.08 -12.37
CA CYS A 324 0.30 8.68 -11.19
C CYS A 324 -0.08 8.07 -9.84
N ARG A 325 -0.80 6.94 -9.87
CA ARG A 325 -0.99 6.13 -8.67
C ARG A 325 0.36 5.57 -8.24
N MET A 326 1.15 5.13 -9.21
CA MET A 326 2.46 4.53 -8.90
C MET A 326 3.58 5.57 -9.11
N GLY A 327 4.83 5.11 -9.19
CA GLY A 327 5.95 6.02 -9.37
C GLY A 327 6.10 6.59 -10.78
N GLY A 328 4.99 7.10 -11.34
CA GLY A 328 5.03 7.82 -12.60
C GLY A 328 5.46 6.97 -13.79
N LEU A 329 5.91 7.64 -14.85
CA LEU A 329 6.16 6.97 -16.13
C LEU A 329 7.06 5.74 -16.04
N ASN A 330 8.14 5.85 -15.28
CA ASN A 330 9.12 4.78 -15.23
C ASN A 330 8.53 3.46 -14.75
N GLU A 331 7.72 3.51 -13.69
CA GLU A 331 7.12 2.29 -13.18
C GLU A 331 6.03 1.78 -14.14
N VAL A 332 5.32 2.69 -14.80
CA VAL A 332 4.33 2.28 -15.78
C VAL A 332 5.00 1.50 -16.91
N LEU A 333 6.14 2.00 -17.39
CA LEU A 333 6.88 1.33 -18.46
C LEU A 333 7.29 -0.07 -18.04
N ALA A 334 7.70 -0.21 -16.78
CA ALA A 334 8.05 -1.53 -16.24
C ALA A 334 6.88 -2.50 -16.32
N VAL A 335 5.71 -2.07 -15.83
CA VAL A 335 4.50 -2.87 -15.91
C VAL A 335 4.11 -3.21 -17.36
N MET A 336 4.23 -2.23 -18.26
CA MET A 336 3.92 -2.47 -19.67
C MET A 336 4.82 -3.54 -20.26
N LEU A 337 6.08 -3.54 -19.88
CA LEU A 337 6.98 -4.59 -20.32
C LEU A 337 6.60 -5.95 -19.77
N VAL A 338 6.16 -5.99 -18.51
CA VAL A 338 5.69 -7.25 -17.94
C VAL A 338 4.45 -7.72 -18.70
N ALA A 339 3.52 -6.80 -18.91
CA ALA A 339 2.32 -7.10 -19.68
C ALA A 339 2.65 -7.63 -21.07
N ALA A 340 3.63 -7.00 -21.73
CA ALA A 340 4.03 -7.44 -23.07
C ALA A 340 4.56 -8.87 -23.02
N LYS A 341 5.34 -9.19 -22.00
CA LYS A 341 5.83 -10.57 -21.83
C LYS A 341 4.67 -11.57 -21.81
N TYR A 342 3.63 -11.24 -21.05
CA TYR A 342 2.49 -12.14 -20.90
C TYR A 342 1.40 -11.88 -21.92
N ASP A 343 1.68 -11.01 -22.88
CA ASP A 343 0.72 -10.68 -23.94
C ASP A 343 -0.65 -10.30 -23.37
N LEU A 344 -0.65 -9.45 -22.35
CA LEU A 344 -1.88 -8.91 -21.81
C LEU A 344 -1.98 -7.46 -22.24
N PRO A 345 -3.15 -7.05 -22.73
CA PRO A 345 -3.32 -5.67 -23.18
C PRO A 345 -3.39 -4.69 -22.01
N VAL A 346 -2.85 -3.50 -22.22
CA VAL A 346 -2.91 -2.44 -21.24
C VAL A 346 -3.90 -1.35 -21.68
N TRP A 347 -4.97 -1.16 -20.91
CA TRP A 347 -5.94 -0.08 -21.18
C TRP A 347 -5.90 0.88 -20.02
N PRO A 348 -5.16 1.99 -20.15
CA PRO A 348 -4.96 2.84 -18.96
C PRO A 348 -6.21 3.49 -18.42
N HIS A 349 -6.26 3.59 -17.10
CA HIS A 349 -7.26 4.36 -16.39
C HIS A 349 -6.99 5.84 -16.64
N ALA A 350 -8.06 6.61 -16.78
CA ALA A 350 -7.91 8.04 -17.05
C ALA A 350 -9.01 8.86 -16.40
N GLY A 351 -9.33 10.00 -16.99
CA GLY A 351 -10.29 10.91 -16.39
C GLY A 351 -9.61 11.72 -15.29
N GLY A 352 -10.24 11.77 -14.11
CA GLY A 352 -9.67 12.47 -12.98
C GLY A 352 -9.32 13.90 -13.32
N VAL A 353 -8.21 14.39 -12.78
CA VAL A 353 -7.70 15.70 -13.15
C VAL A 353 -6.47 15.50 -14.04
N GLY A 354 -6.65 15.60 -15.36
CA GLY A 354 -5.54 15.50 -16.28
C GLY A 354 -4.94 14.12 -16.50
N LEU A 355 -5.62 13.07 -16.03
CA LEU A 355 -5.12 11.71 -16.24
C LEU A 355 -5.11 11.32 -17.72
N CYS A 356 -6.11 11.81 -18.49
CA CYS A 356 -6.15 11.58 -19.93
C CYS A 356 -4.89 12.19 -20.56
N GLU A 357 -4.56 13.40 -20.13
CA GLU A 357 -3.42 14.13 -20.66
C GLU A 357 -2.13 13.34 -20.43
N TYR A 358 -2.06 12.65 -19.30
CA TYR A 358 -0.91 11.79 -19.00
C TYR A 358 -0.92 10.50 -19.82
N VAL A 359 -1.96 9.69 -19.67
CA VAL A 359 -1.93 8.33 -20.21
C VAL A 359 -1.84 8.22 -21.74
N GLN A 360 -2.34 9.24 -22.45
CA GLN A 360 -2.19 9.26 -23.89
C GLN A 360 -0.72 9.06 -24.28
N HIS A 361 0.18 9.71 -23.55
CA HIS A 361 1.61 9.63 -23.84
C HIS A 361 2.10 8.22 -23.59
N MET A 362 1.60 7.65 -22.51
CA MET A 362 2.09 6.36 -22.02
C MET A 362 1.71 5.22 -22.95
N SER A 363 0.46 5.21 -23.39
CA SER A 363 0.00 4.18 -24.31
C SER A 363 0.66 4.31 -25.67
N MET A 364 0.97 5.53 -26.08
CA MET A 364 1.65 5.71 -27.35
C MET A 364 3.09 5.18 -27.30
N ILE A 365 3.74 5.33 -26.16
CA ILE A 365 5.05 4.72 -25.94
C ILE A 365 4.95 3.20 -26.02
N ASP A 366 3.93 2.65 -25.36
CA ASP A 366 3.60 1.23 -25.41
C ASP A 366 3.41 0.76 -26.86
N TYR A 367 2.67 1.54 -27.63
CA TYR A 367 2.42 1.19 -29.02
C TYR A 367 3.69 1.25 -29.87
N VAL A 368 4.38 2.38 -29.83
CA VAL A 368 5.56 2.55 -30.69
C VAL A 368 6.76 1.69 -30.28
N ALA A 369 6.98 1.53 -28.97
CA ALA A 369 8.29 1.06 -28.53
C ALA A 369 8.28 -0.23 -27.70
N ILE A 370 7.11 -0.76 -27.40
CA ILE A 370 7.01 -1.93 -26.52
C ILE A 370 6.26 -3.13 -27.11
N CYS A 371 4.95 -3.02 -27.26
CA CYS A 371 4.15 -4.16 -27.72
C CYS A 371 3.75 -4.06 -29.18
N GLY A 372 3.75 -2.84 -29.73
CA GLY A 372 3.52 -2.65 -31.15
C GLY A 372 2.11 -2.86 -31.66
N GLU A 373 1.14 -2.85 -30.75
CA GLU A 373 -0.24 -3.10 -31.12
C GLU A 373 -1.14 -2.10 -30.39
N LYS A 374 -2.02 -1.42 -31.13
CA LYS A 374 -2.96 -0.46 -30.55
C LYS A 374 -4.43 -0.66 -30.96
N ASP A 375 -4.66 -1.24 -32.14
CA ASP A 375 -6.01 -1.30 -32.72
C ASP A 375 -7.06 -2.01 -31.87
N SER A 376 -6.62 -3.01 -31.10
CA SER A 376 -7.53 -3.82 -30.30
C SER A 376 -7.67 -3.27 -28.89
N LYS A 377 -6.99 -2.18 -28.61
CA LYS A 377 -7.00 -1.62 -27.25
C LYS A 377 -7.75 -0.31 -27.19
N ARG A 378 -8.02 0.15 -25.97
CA ARG A 378 -8.74 1.40 -25.74
C ARG A 378 -8.21 2.10 -24.48
N ILE A 379 -7.65 3.29 -24.64
CA ILE A 379 -7.30 4.11 -23.49
C ILE A 379 -8.59 4.69 -22.96
N GLU A 380 -8.74 4.79 -21.64
CA GLU A 380 -9.93 5.43 -21.12
C GLU A 380 -9.92 6.90 -21.51
N TYR A 381 -11.09 7.45 -21.76
CA TYR A 381 -11.23 8.89 -21.94
C TYR A 381 -12.47 9.38 -21.22
N VAL A 382 -12.38 10.55 -20.61
CA VAL A 382 -13.53 11.18 -19.98
C VAL A 382 -13.46 12.68 -20.30
N ASP A 383 -14.60 13.28 -20.60
CA ASP A 383 -14.61 14.69 -20.97
C ASP A 383 -14.88 15.62 -19.79
N HIS A 384 -13.94 15.70 -18.85
CA HIS A 384 -14.07 16.61 -17.72
C HIS A 384 -12.77 17.37 -17.52
N LEU A 385 -12.89 18.66 -17.22
CA LEU A 385 -11.79 19.48 -16.70
C LEU A 385 -10.67 19.82 -17.70
N HIS A 386 -10.85 19.45 -18.96
CA HIS A 386 -9.82 19.71 -19.96
C HIS A 386 -9.59 21.21 -20.23
N GLU A 387 -10.53 22.04 -19.81
CA GLU A 387 -10.38 23.48 -20.03
C GLU A 387 -9.31 24.09 -19.13
N HIS A 388 -8.80 23.30 -18.18
CA HIS A 388 -7.81 23.82 -17.26
C HIS A 388 -6.38 23.65 -17.75
N PHE A 389 -6.21 22.96 -18.87
CA PHE A 389 -4.88 22.60 -19.34
C PHE A 389 -4.41 23.43 -20.52
N LYS A 390 -3.13 23.76 -20.54
CA LYS A 390 -2.58 24.54 -21.66
C LYS A 390 -2.63 23.74 -22.96
N HIS A 391 -2.36 22.44 -22.87
CA HIS A 391 -2.37 21.58 -24.05
C HIS A 391 -3.20 20.34 -23.76
N PRO A 392 -4.53 20.50 -23.68
CA PRO A 392 -5.42 19.40 -23.33
C PRO A 392 -5.36 18.32 -24.40
N CYS A 393 -5.75 17.09 -24.05
CA CYS A 393 -5.82 16.04 -25.05
C CYS A 393 -6.92 16.36 -26.06
N ILE A 394 -6.76 15.81 -27.26
CA ILE A 394 -7.72 16.02 -28.34
C ILE A 394 -8.23 14.67 -28.81
N VAL A 395 -9.54 14.49 -28.71
CA VAL A 395 -10.16 13.24 -29.11
C VAL A 395 -11.20 13.50 -30.18
N THR A 396 -11.12 12.76 -31.29
CA THR A 396 -12.16 12.79 -32.33
C THR A 396 -12.27 11.40 -32.93
N GLY A 397 -13.47 11.04 -33.37
CA GLY A 397 -13.72 9.74 -33.98
C GLY A 397 -13.35 8.57 -33.09
N GLY A 398 -13.39 8.79 -31.78
CA GLY A 398 -13.04 7.75 -30.83
C GLY A 398 -11.55 7.45 -30.71
N ALA A 399 -10.72 8.44 -31.02
CA ALA A 399 -9.26 8.26 -30.93
C ALA A 399 -8.54 9.50 -30.39
N TYR A 400 -7.57 9.29 -29.51
CA TYR A 400 -6.67 10.37 -29.09
C TYR A 400 -5.71 10.77 -30.23
N GLN A 401 -5.67 12.06 -30.53
CA GLN A 401 -4.63 12.63 -31.39
C GLN A 401 -3.29 12.60 -30.63
N ALA A 402 -2.20 12.27 -31.31
CA ALA A 402 -0.91 12.23 -30.64
C ALA A 402 -0.49 13.65 -30.24
N PRO A 403 -0.06 13.82 -28.98
CA PRO A 403 0.46 15.12 -28.52
C PRO A 403 1.61 15.61 -29.41
N HIS A 404 1.70 16.92 -29.62
CA HIS A 404 2.76 17.46 -30.47
C HIS A 404 3.54 18.60 -29.81
N ALA A 405 2.99 19.19 -28.75
CA ALA A 405 3.67 20.26 -28.03
C ALA A 405 4.66 19.65 -27.04
N PRO A 406 5.72 20.40 -26.66
CA PRO A 406 6.69 19.86 -25.69
C PRO A 406 6.05 19.62 -24.34
N GLY A 407 6.48 18.57 -23.65
CA GLY A 407 6.00 18.34 -22.30
C GLY A 407 5.09 17.13 -22.17
N PHE A 408 4.48 17.01 -21.00
CA PHE A 408 3.70 15.83 -20.63
C PHE A 408 2.19 16.16 -20.67
N SER A 409 1.85 17.30 -21.25
CA SER A 409 0.46 17.73 -21.46
C SER A 409 -0.31 18.06 -20.19
N ILE A 410 0.40 18.13 -19.07
CA ILE A 410 -0.26 18.23 -17.77
C ILE A 410 -0.28 19.66 -17.23
N GLU A 411 0.53 20.54 -17.80
CA GLU A 411 0.64 21.91 -17.29
C GLU A 411 -0.70 22.63 -17.34
N MET A 412 -1.12 23.17 -16.21
CA MET A 412 -2.40 23.88 -16.13
C MET A 412 -2.25 25.37 -16.40
N LYS A 413 -3.33 25.99 -16.82
CA LYS A 413 -3.37 27.44 -16.97
C LYS A 413 -3.15 28.07 -15.62
N GLU A 414 -2.42 29.19 -15.60
CA GLU A 414 -2.11 29.91 -14.38
C GLU A 414 -3.36 30.30 -13.56
N ASP A 415 -4.41 30.77 -14.24
CA ASP A 415 -5.64 31.15 -13.54
C ASP A 415 -6.24 30.00 -12.73
N THR A 416 -6.08 28.77 -13.23
CA THR A 416 -6.59 27.60 -12.53
C THR A 416 -5.85 27.34 -11.21
N LEU A 417 -4.53 27.54 -11.23
CA LEU A 417 -3.72 27.36 -10.03
C LEU A 417 -4.17 28.27 -8.89
N ASP A 418 -4.68 29.45 -9.24
CA ASP A 418 -5.21 30.37 -8.23
C ASP A 418 -6.67 30.06 -7.85
N ALA A 419 -7.52 29.92 -8.86
CA ALA A 419 -8.95 29.81 -8.64
C ALA A 419 -9.35 28.56 -7.87
N PHE A 420 -8.54 27.51 -7.94
CA PHE A 420 -8.97 26.22 -7.38
C PHE A 420 -8.14 25.73 -6.20
N LEU A 421 -7.35 26.63 -5.62
CA LEU A 421 -6.55 26.35 -4.45
C LEU A 421 -7.44 26.08 -3.25
N PHE A 422 -7.25 24.95 -2.58
CA PHE A 422 -8.13 24.59 -1.47
C PHE A 422 -7.86 25.39 -0.21
N THR B 2 -19.58 9.54 27.70
CA THR B 2 -18.25 9.78 27.14
C THR B 2 -18.28 10.03 25.63
N LYS B 3 -17.77 11.19 25.25
CA LYS B 3 -17.75 11.63 23.87
C LYS B 3 -16.31 11.98 23.54
N ILE B 4 -15.85 11.67 22.33
CA ILE B 4 -14.54 12.13 21.89
C ILE B 4 -14.68 13.58 21.45
N THR B 5 -14.04 14.49 22.18
CA THR B 5 -14.30 15.92 22.02
C THR B 5 -13.21 16.68 21.25
N GLY B 6 -12.09 16.01 20.98
CA GLY B 6 -11.03 16.64 20.22
C GLY B 6 -9.84 15.70 20.14
N LEU B 7 -8.77 16.16 19.52
CA LEU B 7 -7.54 15.37 19.47
C LEU B 7 -6.30 16.25 19.32
N ARG B 8 -5.17 15.74 19.80
CA ARG B 8 -3.90 16.44 19.70
C ARG B 8 -2.92 15.47 19.06
N THR B 9 -1.97 15.99 18.29
CA THR B 9 -0.97 15.13 17.67
C THR B 9 0.43 15.59 18.03
N TYR B 10 1.38 14.65 18.06
CA TYR B 10 2.76 14.94 18.40
C TYR B 10 3.70 14.18 17.45
N ASP B 11 4.53 14.93 16.74
CA ASP B 11 5.54 14.37 15.86
C ASP B 11 6.78 14.12 16.75
N LEU B 12 6.91 12.91 17.26
CA LEU B 12 8.00 12.58 18.17
C LEU B 12 9.09 11.78 17.46
N ARG B 13 10.35 12.21 17.58
CA ARG B 13 11.47 11.53 16.92
C ARG B 13 12.64 11.31 17.87
N PHE B 14 13.18 10.10 17.88
CA PHE B 14 14.21 9.72 18.84
C PHE B 14 15.54 9.41 18.13
N PRO B 15 16.65 9.92 18.67
CA PRO B 15 17.97 9.86 18.04
C PRO B 15 18.65 8.49 18.10
N THR B 16 17.91 7.44 17.75
CA THR B 16 18.42 6.07 17.77
C THR B 16 19.60 5.84 16.82
N SER B 17 19.70 6.67 15.77
CA SER B 17 20.79 6.50 14.79
C SER B 17 22.17 6.80 15.40
N GLU B 18 22.18 7.48 16.54
CA GLU B 18 23.43 7.84 17.21
C GLU B 18 24.28 6.61 17.54
N GLY B 19 23.64 5.50 17.88
CA GLY B 19 24.35 4.26 18.13
C GLY B 19 23.93 3.18 17.15
N LEU B 20 23.20 3.58 16.12
CA LEU B 20 22.73 2.65 15.09
C LEU B 20 21.84 1.53 15.65
N ASP B 21 21.17 1.79 16.76
CA ASP B 21 20.14 0.87 17.24
C ASP B 21 19.04 0.83 16.18
N GLY B 22 18.66 -0.37 15.76
CA GLY B 22 17.60 -0.49 14.77
C GLY B 22 18.14 -0.66 13.36
N SER B 23 19.45 -0.47 13.20
CA SER B 23 20.06 -0.50 11.86
C SER B 23 19.95 -1.87 11.22
N ASP B 24 19.73 -1.90 9.91
CA ASP B 24 19.56 -3.16 9.20
C ASP B 24 19.95 -2.97 7.73
N ALA B 25 19.77 -3.99 6.91
CA ALA B 25 20.29 -3.94 5.54
C ALA B 25 19.55 -2.92 4.67
N MET B 26 18.30 -2.63 5.01
CA MET B 26 17.52 -1.64 4.25
C MET B 26 17.59 -0.26 4.88
N ASN B 27 17.54 -0.25 6.21
CA ASN B 27 17.52 0.99 6.98
C ASN B 27 18.81 1.18 7.78
N PRO B 28 19.79 1.89 7.19
CA PRO B 28 21.11 1.93 7.83
C PRO B 28 21.16 2.82 9.06
N ASP B 29 20.23 3.77 9.16
CA ASP B 29 20.29 4.74 10.26
C ASP B 29 18.92 5.25 10.70
N PRO B 30 17.99 4.33 11.03
CA PRO B 30 16.64 4.77 11.41
C PRO B 30 16.64 5.69 12.62
N ASP B 31 15.77 6.71 12.61
CA ASP B 31 15.52 7.52 13.79
C ASP B 31 14.12 7.19 14.29
N TYR B 32 14.06 6.25 15.23
CA TYR B 32 12.80 5.74 15.75
C TYR B 32 11.86 6.88 16.12
N SER B 33 10.66 6.86 15.54
CA SER B 33 9.73 7.99 15.69
C SER B 33 8.29 7.52 15.90
N ALA B 34 7.50 8.39 16.51
CA ALA B 34 6.10 8.07 16.71
C ALA B 34 5.23 9.23 16.27
N ALA B 35 4.26 8.93 15.42
CA ALA B 35 3.18 9.87 15.15
C ALA B 35 2.11 9.60 16.22
N TYR B 36 2.08 10.46 17.22
CA TYR B 36 1.39 10.19 18.49
C TYR B 36 0.08 10.97 18.56
N VAL B 37 -0.97 10.31 19.04
CA VAL B 37 -2.28 10.93 19.06
C VAL B 37 -2.92 10.78 20.43
N ILE B 38 -3.57 11.85 20.88
CA ILE B 38 -4.36 11.81 22.09
C ILE B 38 -5.80 12.19 21.78
N LEU B 39 -6.72 11.29 22.08
CA LEU B 39 -8.14 11.54 21.89
C LEU B 39 -8.71 12.13 23.16
N GLU B 40 -9.29 13.31 23.04
CA GLU B 40 -9.79 14.03 24.20
C GLU B 40 -11.23 13.66 24.52
N THR B 41 -11.56 13.68 25.80
CA THR B 41 -12.94 13.44 26.24
C THR B 41 -13.32 14.52 27.24
N GLU B 42 -14.57 14.50 27.70
CA GLU B 42 -14.97 15.42 28.76
C GLU B 42 -14.61 14.85 30.12
N GLY B 43 -14.14 13.61 30.13
CA GLY B 43 -13.98 12.87 31.36
C GLY B 43 -12.59 12.90 31.97
N THR B 44 -12.28 11.82 32.71
CA THR B 44 -11.02 11.69 33.40
C THR B 44 -9.96 11.02 32.51
N HIS B 45 -10.40 10.28 31.52
CA HIS B 45 -9.47 9.54 30.67
C HIS B 45 -9.27 10.18 29.30
N GLU B 46 -8.10 9.96 28.73
CA GLU B 46 -7.84 10.32 27.34
C GLU B 46 -7.25 9.10 26.65
N GLY B 47 -7.60 8.93 25.38
CA GLY B 47 -7.09 7.82 24.61
C GLY B 47 -5.77 8.13 23.92
N HIS B 48 -4.71 7.43 24.32
CA HIS B 48 -3.40 7.62 23.71
C HIS B 48 -3.12 6.51 22.73
N GLY B 49 -2.47 6.87 21.62
CA GLY B 49 -2.08 5.90 20.61
C GLY B 49 -0.96 6.46 19.75
N LEU B 50 -0.31 5.60 18.98
CA LEU B 50 0.74 6.06 18.08
C LEU B 50 0.88 5.10 16.93
N THR B 51 1.57 5.55 15.89
CA THR B 51 2.06 4.62 14.90
C THR B 51 3.55 4.89 14.73
N PHE B 52 4.31 3.87 14.35
CA PHE B 52 5.77 3.92 14.38
C PHE B 52 6.36 4.18 13.00
N THR B 53 7.30 5.11 12.93
CA THR B 53 8.08 5.33 11.70
C THR B 53 9.56 5.47 12.10
N ILE B 54 10.43 5.68 11.11
CA ILE B 54 11.86 5.76 11.42
C ILE B 54 12.50 7.10 11.05
N GLY B 55 11.72 8.17 11.15
CA GLY B 55 12.25 9.51 11.02
C GLY B 55 11.50 10.35 9.99
N ARG B 56 12.19 10.67 8.91
CA ARG B 56 11.57 11.44 7.83
C ARG B 56 10.30 10.73 7.37
N GLY B 57 9.23 11.51 7.16
CA GLY B 57 7.96 10.93 6.78
C GLY B 57 6.98 10.84 7.92
N ASN B 58 7.47 10.92 9.15
CA ASN B 58 6.59 10.95 10.32
C ASN B 58 5.49 12.03 10.19
N GLU B 59 5.85 13.17 9.61
CA GLU B 59 4.92 14.29 9.51
C GLU B 59 3.78 14.01 8.51
N ILE B 60 4.01 13.07 7.61
CA ILE B 60 2.97 12.66 6.66
C ILE B 60 1.91 11.86 7.42
N CYS B 61 2.36 11.01 8.35
CA CYS B 61 1.45 10.24 9.20
C CYS B 61 0.66 11.16 10.11
N ILE B 62 1.32 12.21 10.61
CA ILE B 62 0.65 13.23 11.41
C ILE B 62 -0.47 13.89 10.58
N ALA B 63 -0.16 14.23 9.34
CA ALA B 63 -1.16 14.82 8.45
C ALA B 63 -2.36 13.88 8.29
N ALA B 64 -2.08 12.60 8.12
CA ALA B 64 -3.12 11.59 7.96
C ALA B 64 -3.95 11.42 9.23
N ILE B 65 -3.30 11.44 10.40
CA ILE B 65 -4.04 11.34 11.67
C ILE B 65 -5.03 12.48 11.78
N LYS B 66 -4.57 13.70 11.51
CA LYS B 66 -5.46 14.87 11.55
C LYS B 66 -6.65 14.73 10.61
N ALA B 67 -6.41 14.16 9.43
CA ALA B 67 -7.48 13.95 8.47
C ALA B 67 -8.51 12.99 9.05
N LEU B 68 -8.04 11.94 9.69
CA LEU B 68 -8.92 10.93 10.26
C LEU B 68 -9.71 11.49 11.44
N GLY B 69 -9.17 12.52 12.07
CA GLY B 69 -9.80 13.10 13.25
C GLY B 69 -11.18 13.64 12.96
N ALA B 70 -11.39 14.07 11.71
CA ALA B 70 -12.70 14.53 11.28
C ALA B 70 -13.76 13.44 11.47
N LEU B 71 -13.35 12.18 11.39
CA LEU B 71 -14.29 11.06 11.46
C LEU B 71 -14.57 10.59 12.90
N VAL B 72 -13.75 11.06 13.83
CA VAL B 72 -13.74 10.49 15.19
C VAL B 72 -14.20 11.51 16.23
N VAL B 73 -13.79 12.76 16.06
CA VAL B 73 -14.20 13.81 16.97
C VAL B 73 -15.72 13.96 16.86
N GLY B 74 -16.38 13.93 18.01
CA GLY B 74 -17.84 14.02 18.04
C GLY B 74 -18.51 12.68 18.26
N LEU B 75 -17.79 11.57 18.10
CA LEU B 75 -18.39 10.25 18.30
C LEU B 75 -18.66 9.95 19.78
N ASP B 76 -19.74 9.22 20.06
CA ASP B 76 -19.99 8.68 21.41
C ASP B 76 -19.23 7.37 21.58
N LEU B 77 -18.46 7.26 22.65
CA LEU B 77 -17.71 6.03 22.94
C LEU B 77 -18.63 4.81 23.00
N ASP B 78 -19.83 4.99 23.53
CA ASP B 78 -20.80 3.90 23.58
C ASP B 78 -21.22 3.40 22.20
N TRP B 79 -21.41 4.32 21.25
CA TRP B 79 -21.69 3.90 19.87
C TRP B 79 -20.52 3.06 19.31
N ILE B 80 -19.31 3.45 19.65
CA ILE B 80 -18.13 2.69 19.23
C ILE B 80 -18.12 1.28 19.83
N ARG B 81 -18.28 1.19 21.15
CA ARG B 81 -18.25 -0.10 21.86
C ARG B 81 -19.37 -1.04 21.47
N GLU B 82 -20.53 -0.49 21.12
CA GLU B 82 -21.68 -1.30 20.73
C GLU B 82 -21.39 -2.19 19.54
N ASP B 83 -20.55 -1.71 18.63
CA ASP B 83 -20.17 -2.49 17.46
C ASP B 83 -18.88 -1.89 16.91
N MET B 84 -17.74 -2.38 17.36
CA MET B 84 -16.50 -1.73 16.91
C MET B 84 -16.11 -2.08 15.47
N GLY B 85 -16.62 -3.19 14.95
CA GLY B 85 -16.43 -3.51 13.55
C GLY B 85 -17.06 -2.43 12.68
N ARG B 86 -18.23 -1.98 13.09
CA ARG B 86 -18.92 -0.87 12.44
C ARG B 86 -18.11 0.42 12.53
N PHE B 87 -17.56 0.71 13.71
CA PHE B 87 -16.70 1.89 13.85
C PHE B 87 -15.46 1.79 12.97
N TRP B 88 -14.90 0.59 12.87
CA TRP B 88 -13.72 0.38 12.06
C TRP B 88 -14.05 0.64 10.58
N ARG B 89 -15.23 0.20 10.12
CA ARG B 89 -15.65 0.49 8.76
C ARG B 89 -15.79 2.00 8.60
N HIS B 90 -16.35 2.65 9.61
CA HIS B 90 -16.54 4.10 9.59
C HIS B 90 -15.21 4.85 9.45
N VAL B 91 -14.23 4.45 10.25
CA VAL B 91 -13.00 5.22 10.31
C VAL B 91 -12.10 4.97 9.08
N THR B 92 -12.23 3.80 8.47
CA THR B 92 -11.48 3.48 7.25
C THR B 92 -12.34 3.66 6.01
N GLY B 93 -13.55 4.19 6.21
CA GLY B 93 -14.55 4.18 5.16
C GLY B 93 -14.86 5.50 4.46
N ASP B 94 -14.21 6.59 4.84
CA ASP B 94 -14.35 7.83 4.07
C ASP B 94 -13.77 7.56 2.67
N SER B 95 -14.64 7.51 1.67
CA SER B 95 -14.21 7.15 0.30
C SER B 95 -13.07 8.02 -0.20
N GLN B 96 -13.10 9.30 0.18
CA GLN B 96 -12.04 10.21 -0.22
C GLN B 96 -10.71 9.92 0.50
N LEU B 97 -10.77 9.66 1.81
CA LEU B 97 -9.55 9.26 2.53
C LEU B 97 -9.05 7.87 2.07
N ARG B 98 -9.98 6.99 1.71
CA ARG B 98 -9.64 5.67 1.14
C ARG B 98 -8.78 5.78 -0.10
N TRP B 99 -9.04 6.80 -0.91
CA TRP B 99 -8.31 7.00 -2.16
C TRP B 99 -6.81 7.11 -1.91
N ILE B 100 -6.45 7.63 -0.75
CA ILE B 100 -5.05 7.84 -0.36
C ILE B 100 -4.41 6.49 -0.02
N GLY B 101 -5.25 5.48 0.19
CA GLY B 101 -4.82 4.12 0.46
C GLY B 101 -5.17 3.21 -0.70
N PRO B 102 -6.23 2.38 -0.55
CA PRO B 102 -7.00 2.15 0.68
C PRO B 102 -6.29 1.18 1.63
N ASP B 103 -6.43 1.43 2.93
CA ASP B 103 -5.87 0.52 3.93
C ASP B 103 -4.39 0.20 3.64
N LYS B 104 -3.61 1.24 3.34
CA LYS B 104 -2.18 1.07 3.12
C LYS B 104 -1.46 2.41 3.23
N GLY B 105 -0.17 2.36 3.51
CA GLY B 105 0.63 3.57 3.56
C GLY B 105 0.23 4.48 4.72
N ALA B 106 0.48 5.76 4.52
CA ALA B 106 0.29 6.76 5.57
C ALA B 106 -1.10 6.77 6.19
N ILE B 107 -2.14 6.64 5.35
CA ILE B 107 -3.50 6.70 5.86
C ILE B 107 -3.82 5.50 6.75
N HIS B 108 -3.19 4.36 6.51
CA HIS B 108 -3.49 3.18 7.33
C HIS B 108 -2.60 3.13 8.58
N LEU B 109 -1.37 3.61 8.45
CA LEU B 109 -0.52 3.80 9.62
C LEU B 109 -1.26 4.67 10.64
N ALA B 110 -1.85 5.76 10.13
CA ALA B 110 -2.60 6.70 10.95
C ALA B 110 -3.82 6.04 11.57
N ALA B 111 -4.48 5.16 10.81
CA ALA B 111 -5.65 4.46 11.34
C ALA B 111 -5.25 3.55 12.51
N GLY B 112 -4.10 2.90 12.39
CA GLY B 112 -3.57 2.09 13.47
C GLY B 112 -3.45 2.87 14.77
N ALA B 113 -2.95 4.10 14.67
CA ALA B 113 -2.78 4.96 15.83
C ALA B 113 -4.11 5.35 16.42
N VAL B 114 -5.04 5.77 15.56
CA VAL B 114 -6.33 6.23 16.01
C VAL B 114 -7.15 5.09 16.59
N VAL B 115 -7.19 3.98 15.89
CA VAL B 115 -7.94 2.82 16.35
C VAL B 115 -7.40 2.33 17.69
N ASN B 116 -6.08 2.21 17.80
CA ASN B 116 -5.49 1.79 19.07
C ASN B 116 -5.73 2.81 20.19
N ALA B 117 -5.80 4.11 19.83
CA ALA B 117 -6.08 5.14 20.84
C ALA B 117 -7.49 4.96 21.40
N VAL B 118 -8.41 4.54 20.54
CA VAL B 118 -9.77 4.29 20.99
C VAL B 118 -9.75 3.12 21.98
N TRP B 119 -9.00 2.06 21.66
CA TRP B 119 -8.86 0.91 22.56
C TRP B 119 -8.28 1.34 23.90
N ASP B 120 -7.29 2.23 23.86
CA ASP B 120 -6.69 2.74 25.09
C ASP B 120 -7.76 3.40 25.95
N LEU B 121 -8.59 4.22 25.30
CA LEU B 121 -9.66 4.92 26.00
C LEU B 121 -10.67 3.95 26.62
N TRP B 122 -11.15 3.00 25.80
CA TRP B 122 -12.09 1.97 26.24
C TRP B 122 -11.56 1.21 27.45
N ALA B 123 -10.33 0.73 27.34
CA ALA B 123 -9.71 -0.03 28.42
C ALA B 123 -9.59 0.80 29.70
N LYS B 124 -9.16 2.05 29.56
CA LYS B 124 -9.06 2.92 30.72
C LYS B 124 -10.43 3.12 31.37
N ASP B 125 -11.47 3.24 30.55
CA ASP B 125 -12.80 3.50 31.06
C ASP B 125 -13.37 2.32 31.84
N THR B 126 -13.11 1.10 31.38
CA THR B 126 -13.65 -0.08 32.08
C THR B 126 -12.70 -0.57 33.18
N GLY B 127 -11.50 0.00 33.23
CA GLY B 127 -10.54 -0.32 34.27
C GLY B 127 -9.85 -1.65 34.05
N LYS B 128 -9.43 -1.91 32.80
CA LYS B 128 -8.76 -3.16 32.46
C LYS B 128 -7.61 -2.93 31.50
N PRO B 129 -6.55 -3.75 31.61
CA PRO B 129 -5.60 -3.72 30.49
C PRO B 129 -6.29 -4.27 29.25
N VAL B 130 -5.87 -3.80 28.08
CA VAL B 130 -6.50 -4.19 26.83
C VAL B 130 -6.59 -5.70 26.63
N TRP B 131 -5.51 -6.42 26.95
CA TRP B 131 -5.55 -7.87 26.77
C TRP B 131 -6.71 -8.52 27.57
N ARG B 132 -6.97 -8.02 28.78
CA ARG B 132 -8.04 -8.58 29.60
C ARG B 132 -9.41 -8.10 29.12
N LEU B 133 -9.48 -6.85 28.69
CA LEU B 133 -10.72 -6.29 28.15
C LEU B 133 -11.27 -7.17 27.03
N VAL B 134 -10.40 -7.54 26.10
CA VAL B 134 -10.81 -8.38 24.97
C VAL B 134 -10.94 -9.87 25.34
N ALA B 135 -9.99 -10.39 26.13
CA ALA B 135 -10.03 -11.79 26.53
C ALA B 135 -11.30 -12.17 27.27
N ASP B 136 -11.80 -11.23 28.07
CA ASP B 136 -13.02 -11.46 28.83
C ASP B 136 -14.28 -11.45 27.95
N MET B 137 -14.16 -11.02 26.71
CA MET B 137 -15.32 -10.95 25.84
C MET B 137 -15.82 -12.33 25.41
N SER B 138 -17.13 -12.47 25.19
CA SER B 138 -17.67 -13.68 24.58
C SER B 138 -17.20 -13.83 23.12
N PRO B 139 -17.30 -15.05 22.55
CA PRO B 139 -17.01 -15.24 21.13
C PRO B 139 -17.74 -14.26 20.20
N ALA B 140 -19.04 -14.06 20.42
CA ALA B 140 -19.80 -13.12 19.59
C ALA B 140 -19.32 -11.68 19.76
N GLU B 141 -18.91 -11.33 20.97
CA GLU B 141 -18.44 -9.97 21.25
C GLU B 141 -17.13 -9.71 20.54
N ILE B 142 -16.23 -10.69 20.60
CA ILE B 142 -14.96 -10.58 19.87
C ILE B 142 -15.21 -10.52 18.36
N LEU B 143 -16.09 -11.38 17.87
CA LEU B 143 -16.40 -11.40 16.43
C LEU B 143 -16.90 -10.02 15.99
N ARG B 144 -17.65 -9.36 16.86
CA ARG B 144 -18.25 -8.08 16.53
C ARG B 144 -17.22 -6.95 16.33
N LEU B 145 -16.02 -7.15 16.87
CA LEU B 145 -14.97 -6.15 16.77
C LEU B 145 -14.42 -6.02 15.36
N ILE B 146 -14.68 -7.01 14.53
CA ILE B 146 -13.94 -7.16 13.28
C ILE B 146 -14.73 -6.80 12.04
N ASP B 147 -14.13 -5.97 11.18
CA ASP B 147 -14.68 -5.71 9.85
C ASP B 147 -14.13 -6.79 8.90
N PHE B 148 -15.02 -7.65 8.41
CA PHE B 148 -14.63 -8.75 7.56
C PHE B 148 -14.58 -8.43 6.07
N ARG B 149 -14.75 -7.16 5.69
CA ARG B 149 -14.78 -6.84 4.27
C ARG B 149 -13.46 -7.25 3.59
N TYR B 150 -13.59 -7.95 2.48
CA TYR B 150 -12.47 -8.47 1.70
C TYR B 150 -11.75 -9.65 2.36
N LEU B 151 -12.39 -10.24 3.36
CA LEU B 151 -11.87 -11.45 4.00
C LEU B 151 -12.70 -12.69 3.71
N THR B 152 -13.94 -12.49 3.28
CA THR B 152 -14.93 -13.57 3.35
C THR B 152 -14.66 -14.77 2.46
N ASP B 153 -13.80 -14.62 1.46
CA ASP B 153 -13.50 -15.77 0.60
C ASP B 153 -12.52 -16.72 1.29
N VAL B 154 -11.84 -16.22 2.31
CA VAL B 154 -10.87 -17.05 3.02
C VAL B 154 -11.33 -17.33 4.46
N LEU B 155 -11.88 -16.31 5.11
CA LEU B 155 -12.42 -16.50 6.45
C LEU B 155 -13.67 -15.65 6.60
N ALA B 156 -14.83 -16.31 6.57
CA ALA B 156 -16.11 -15.64 6.76
C ALA B 156 -16.45 -15.59 8.26
N PRO B 157 -17.31 -14.65 8.66
CA PRO B 157 -17.67 -14.51 10.08
C PRO B 157 -18.04 -15.84 10.75
N GLU B 158 -18.75 -16.68 10.03
CA GLU B 158 -19.26 -17.94 10.57
C GLU B 158 -18.10 -18.84 11.01
N GLU B 159 -17.11 -18.98 10.13
CA GLU B 159 -15.96 -19.79 10.44
C GLU B 159 -15.09 -19.16 11.53
N ALA B 160 -15.01 -17.83 11.53
CA ALA B 160 -14.29 -17.13 12.60
C ALA B 160 -14.98 -17.37 13.95
N LEU B 161 -16.32 -17.31 13.96
CA LEU B 161 -17.07 -17.55 15.19
C LEU B 161 -16.82 -18.97 15.71
N ASP B 162 -16.79 -19.95 14.81
CA ASP B 162 -16.48 -21.34 15.19
C ASP B 162 -15.12 -21.43 15.89
N LEU B 163 -14.12 -20.74 15.38
CA LEU B 163 -12.80 -20.73 16.00
C LEU B 163 -12.88 -20.11 17.39
N LEU B 164 -13.58 -18.99 17.50
CA LEU B 164 -13.70 -18.31 18.79
C LEU B 164 -14.42 -19.19 19.82
N LYS B 165 -15.47 -19.88 19.39
CA LYS B 165 -16.21 -20.75 20.30
C LYS B 165 -15.35 -21.94 20.76
N ALA B 166 -14.56 -22.49 19.85
CA ALA B 166 -13.65 -23.60 20.19
C ALA B 166 -12.60 -23.19 21.22
N ALA B 167 -12.19 -21.93 21.17
CA ALA B 167 -11.18 -21.43 22.09
C ALA B 167 -11.76 -21.07 23.46
N GLU B 168 -13.07 -20.89 23.53
CA GLU B 168 -13.68 -20.38 24.75
C GLU B 168 -13.45 -21.26 25.98
N PRO B 169 -13.65 -22.58 25.86
CA PRO B 169 -13.34 -23.41 27.04
C PRO B 169 -11.87 -23.30 27.40
N GLY B 170 -11.59 -23.13 28.68
CA GLY B 170 -10.21 -23.04 29.13
C GLY B 170 -9.60 -21.64 29.09
N LYS B 171 -10.42 -20.61 28.85
CA LYS B 171 -9.88 -19.24 28.92
C LYS B 171 -9.38 -18.91 30.33
N GLU B 172 -10.19 -19.22 31.34
CA GLU B 172 -9.86 -18.95 32.74
C GLU B 172 -8.52 -19.58 33.13
N GLU B 173 -8.34 -20.85 32.77
CA GLU B 173 -7.10 -21.56 33.05
C GLU B 173 -5.92 -20.91 32.33
N ARG B 174 -6.14 -20.49 31.09
CA ARG B 174 -5.09 -19.83 30.30
C ARG B 174 -4.75 -18.46 30.89
N ILE B 175 -5.77 -17.74 31.33
CA ILE B 175 -5.53 -16.46 32.00
C ILE B 175 -4.65 -16.68 33.23
N ALA B 176 -4.98 -17.68 34.03
CA ALA B 176 -4.20 -17.99 35.23
C ALA B 176 -2.75 -18.31 34.85
N ARG B 177 -2.60 -19.13 33.81
CA ARG B 177 -1.28 -19.57 33.36
C ARG B 177 -0.43 -18.39 32.87
N LEU B 178 -1.09 -17.45 32.21
CA LEU B 178 -0.41 -16.25 31.72
C LEU B 178 0.12 -15.40 32.88
N ILE B 179 -0.67 -15.30 33.94
CA ILE B 179 -0.29 -14.57 35.14
C ILE B 179 0.94 -15.22 35.79
N GLU B 180 0.94 -16.54 35.84
CA GLU B 180 2.05 -17.29 36.43
C GLU B 180 3.30 -17.29 35.55
N GLU B 181 3.13 -17.42 34.24
CA GLU B 181 4.27 -17.69 33.36
C GLU B 181 4.66 -16.54 32.44
N GLY B 182 3.74 -15.62 32.20
CA GLY B 182 3.96 -14.61 31.18
C GLY B 182 3.99 -15.25 29.79
N TYR B 183 4.43 -14.47 28.80
CA TYR B 183 4.44 -14.93 27.41
C TYR B 183 5.87 -14.85 26.83
N PRO B 184 6.40 -16.00 26.37
CA PRO B 184 7.80 -16.05 25.90
C PRO B 184 8.11 -15.09 24.76
N CYS B 185 9.32 -14.54 24.77
CA CYS B 185 9.73 -13.59 23.75
C CYS B 185 11.16 -13.84 23.31
N TYR B 186 11.50 -13.41 22.09
CA TYR B 186 12.86 -13.48 21.59
C TYR B 186 13.49 -12.10 21.58
N THR B 187 14.81 -12.02 21.47
CA THR B 187 15.45 -10.71 21.45
C THR B 187 16.19 -10.36 20.13
N THR B 188 16.00 -9.13 19.68
CA THR B 188 16.69 -8.61 18.50
C THR B 188 17.80 -7.65 18.93
N SER B 189 17.94 -7.46 20.24
CA SER B 189 18.84 -6.45 20.78
C SER B 189 20.32 -6.63 20.42
N ALA B 190 20.73 -7.86 20.12
CA ALA B 190 22.13 -8.13 19.80
C ALA B 190 22.40 -8.11 18.29
N GLY B 191 21.36 -7.87 17.50
CA GLY B 191 21.42 -8.18 16.08
C GLY B 191 21.52 -7.07 15.06
N TRP B 192 21.48 -5.81 15.51
CA TRP B 192 21.48 -4.70 14.58
C TRP B 192 22.74 -4.68 13.72
N LEU B 193 22.54 -4.47 12.42
CA LEU B 193 23.59 -4.65 11.43
C LEU B 193 24.74 -3.66 11.60
N GLY B 194 24.46 -2.49 12.14
CA GLY B 194 25.51 -1.50 12.34
C GLY B 194 26.50 -1.79 13.47
N TYR B 195 26.22 -2.81 14.29
CA TYR B 195 27.06 -3.09 15.45
C TYR B 195 28.43 -3.70 15.07
N SER B 196 29.49 -3.30 15.77
CA SER B 196 30.79 -3.93 15.58
C SER B 196 30.75 -5.37 16.06
N ASP B 197 31.68 -6.19 15.58
CA ASP B 197 31.77 -7.57 16.03
C ASP B 197 31.90 -7.65 17.56
N GLU B 198 32.67 -6.74 18.13
CA GLU B 198 32.89 -6.76 19.58
C GLU B 198 31.59 -6.54 20.33
N LYS B 199 30.78 -5.61 19.82
CA LYS B 199 29.49 -5.29 20.43
C LYS B 199 28.53 -6.46 20.23
N LEU B 200 28.54 -7.05 19.04
CA LEU B 200 27.79 -8.27 18.77
C LEU B 200 28.09 -9.38 19.78
N ARG B 201 29.38 -9.64 20.02
N ARG B 201 29.38 -9.64 20.01
CA ARG B 201 29.80 -10.65 20.98
CA ARG B 201 29.81 -10.65 20.98
C ARG B 201 29.23 -10.37 22.37
C ARG B 201 29.23 -10.37 22.37
N ARG B 202 29.40 -9.14 22.85
CA ARG B 202 28.96 -8.78 24.20
C ARG B 202 27.45 -8.90 24.34
N LEU B 203 26.73 -8.47 23.32
CA LEU B 203 25.27 -8.50 23.40
C LEU B 203 24.72 -9.91 23.23
N CYS B 204 25.45 -10.76 22.50
CA CYS B 204 25.05 -12.18 22.42
C CYS B 204 25.16 -12.83 23.80
N ARG B 205 26.24 -12.53 24.50
CA ARG B 205 26.46 -13.06 25.85
C ARG B 205 25.36 -12.57 26.80
N GLU B 206 25.02 -11.28 26.69
CA GLU B 206 23.96 -10.71 27.51
C GLU B 206 22.64 -11.42 27.23
N ALA B 207 22.31 -11.58 25.95
CA ALA B 207 21.07 -12.28 25.59
C ALA B 207 21.01 -13.70 26.18
N ARG B 208 22.14 -14.39 26.15
CA ARG B 208 22.18 -15.76 26.66
C ARG B 208 22.05 -15.75 28.17
N ALA B 209 22.76 -14.83 28.83
CA ALA B 209 22.76 -14.74 30.29
C ALA B 209 21.39 -14.41 30.85
N ALA B 210 20.62 -13.64 30.06
CA ALA B 210 19.30 -13.17 30.45
C ALA B 210 18.24 -14.27 30.38
N GLY B 211 18.56 -15.35 29.67
CA GLY B 211 17.66 -16.48 29.58
C GLY B 211 16.85 -16.55 28.30
N PHE B 212 17.15 -15.71 27.32
CA PHE B 212 16.48 -15.84 26.02
C PHE B 212 16.85 -17.17 25.37
N THR B 213 15.89 -17.84 24.73
CA THR B 213 16.16 -19.07 23.99
C THR B 213 16.19 -18.84 22.48
N HIS B 214 15.83 -17.61 22.08
CA HIS B 214 15.75 -17.24 20.67
C HIS B 214 16.32 -15.84 20.51
N THR B 215 17.15 -15.66 19.48
CA THR B 215 17.81 -14.38 19.22
C THR B 215 17.82 -14.09 17.71
N LYS B 216 17.54 -12.86 17.33
CA LYS B 216 17.47 -12.51 15.91
C LYS B 216 18.60 -11.59 15.49
N PHE B 217 19.14 -11.82 14.30
CA PHE B 217 20.25 -11.04 13.75
C PHE B 217 19.95 -10.53 12.36
N LYS B 218 20.38 -9.30 12.10
CA LYS B 218 20.26 -8.71 10.77
C LYS B 218 21.31 -9.29 9.84
N VAL B 219 20.93 -9.44 8.57
CA VAL B 219 21.82 -9.89 7.50
C VAL B 219 21.39 -9.13 6.26
N GLY B 220 22.11 -9.28 5.15
CA GLY B 220 21.59 -8.83 3.87
C GLY B 220 22.39 -7.82 3.09
N ARG B 221 23.36 -7.17 3.73
CA ARG B 221 24.15 -6.15 3.07
C ARG B 221 25.39 -6.77 2.43
N ASP B 222 26.08 -7.62 3.17
CA ASP B 222 27.35 -8.16 2.71
C ASP B 222 27.51 -9.61 3.16
N LEU B 223 27.63 -10.52 2.19
CA LEU B 223 27.60 -11.95 2.48
C LEU B 223 28.74 -12.37 3.39
N SER B 224 29.92 -11.81 3.13
CA SER B 224 31.09 -12.10 3.93
C SER B 224 30.85 -11.69 5.39
N ASP B 225 30.33 -10.48 5.58
CA ASP B 225 29.99 -10.02 6.93
C ASP B 225 29.00 -10.98 7.61
N ASP B 226 27.99 -11.42 6.85
CA ASP B 226 26.94 -12.28 7.41
C ASP B 226 27.50 -13.61 7.89
N ILE B 227 28.32 -14.23 7.05
CA ILE B 227 28.94 -15.49 7.42
C ILE B 227 29.79 -15.32 8.68
N ARG B 228 30.59 -14.26 8.72
CA ARG B 228 31.43 -13.98 9.89
C ARG B 228 30.59 -13.74 11.15
N ARG B 229 29.63 -12.82 11.04
CA ARG B 229 28.77 -12.46 12.18
C ARG B 229 28.02 -13.65 12.75
N LEU B 230 27.39 -14.45 11.89
CA LEU B 230 26.65 -15.63 12.36
C LEU B 230 27.56 -16.70 12.98
N THR B 231 28.78 -16.83 12.47
CA THR B 231 29.76 -17.75 13.03
C THR B 231 30.11 -17.31 14.45
N ILE B 232 30.38 -16.02 14.58
CA ILE B 232 30.65 -15.40 15.88
C ILE B 232 29.45 -15.52 16.83
N ALA B 233 28.26 -15.20 16.32
CA ALA B 233 27.04 -15.30 17.11
C ALA B 233 26.90 -16.71 17.66
N ARG B 234 27.06 -17.71 16.80
CA ARG B 234 26.89 -19.10 17.23
C ARG B 234 27.90 -19.48 18.31
N GLU B 235 29.15 -19.04 18.13
CA GLU B 235 30.19 -19.25 19.12
C GLU B 235 29.78 -18.76 20.50
N GLU B 236 29.31 -17.52 20.59
CA GLU B 236 28.96 -16.93 21.88
C GLU B 236 27.66 -17.52 22.43
N LEU B 237 26.69 -17.72 21.56
CA LEU B 237 25.35 -18.14 21.99
C LEU B 237 25.27 -19.62 22.38
N GLY B 238 26.10 -20.45 21.77
CA GLY B 238 26.05 -21.88 22.01
C GLY B 238 25.16 -22.61 21.01
N GLU B 239 25.23 -23.94 21.00
CA GLU B 239 24.51 -24.71 19.99
C GLU B 239 23.01 -24.80 20.25
N ASP B 240 22.60 -24.64 21.51
CA ASP B 240 21.21 -24.79 21.89
C ASP B 240 20.36 -23.57 21.53
N MET B 241 20.99 -22.39 21.50
CA MET B 241 20.27 -21.17 21.18
C MET B 241 19.58 -21.27 19.82
N ASN B 242 18.37 -20.73 19.73
CA ASN B 242 17.70 -20.60 18.44
C ASN B 242 18.07 -19.29 17.78
N ILE B 243 18.52 -19.36 16.54
CA ILE B 243 18.93 -18.14 15.86
C ILE B 243 17.96 -17.87 14.70
N MET B 244 17.60 -16.61 14.52
CA MET B 244 16.84 -16.21 13.35
C MET B 244 17.55 -15.06 12.66
N ILE B 245 17.26 -14.87 11.37
CA ILE B 245 17.89 -13.80 10.61
C ILE B 245 16.88 -12.99 9.82
N ASP B 246 17.20 -11.72 9.60
CA ASP B 246 16.27 -10.75 9.02
C ASP B 246 16.98 -9.92 7.98
N ALA B 247 16.51 -10.02 6.73
CA ALA B 247 17.10 -9.30 5.62
C ALA B 247 16.39 -7.97 5.29
N ASN B 248 15.28 -7.68 5.97
CA ASN B 248 14.59 -6.41 5.74
C ASN B 248 14.28 -6.06 4.28
N GLN B 249 13.84 -7.06 3.51
CA GLN B 249 13.26 -6.90 2.17
C GLN B 249 14.26 -6.73 1.02
N VAL B 250 15.56 -6.80 1.29
CA VAL B 250 16.54 -6.28 0.33
C VAL B 250 16.80 -7.12 -0.91
N TRP B 251 16.48 -8.41 -0.84
CA TRP B 251 16.85 -9.35 -1.89
C TRP B 251 15.79 -9.54 -2.97
N GLU B 252 16.26 -9.83 -4.19
CA GLU B 252 15.44 -10.46 -5.20
C GLU B 252 15.17 -11.91 -4.78
N VAL B 253 14.21 -12.55 -5.45
CA VAL B 253 13.85 -13.93 -5.12
C VAL B 253 15.01 -14.91 -5.26
N ASP B 254 15.69 -14.92 -6.41
CA ASP B 254 16.78 -15.87 -6.61
C ASP B 254 17.96 -15.55 -5.70
N GLU B 255 18.23 -14.27 -5.54
CA GLU B 255 19.26 -13.80 -4.62
C GLU B 255 18.98 -14.26 -3.19
N ALA B 256 17.72 -14.20 -2.77
CA ALA B 256 17.33 -14.57 -1.41
C ALA B 256 17.62 -16.04 -1.16
N ILE B 257 17.20 -16.87 -2.10
CA ILE B 257 17.38 -18.31 -1.99
C ILE B 257 18.87 -18.66 -1.87
N ASP B 258 19.68 -18.10 -2.76
CA ASP B 258 21.12 -18.37 -2.76
C ASP B 258 21.77 -17.94 -1.44
N TRP B 259 21.48 -16.73 -1.01
CA TRP B 259 22.11 -16.13 0.16
C TRP B 259 21.74 -16.84 1.49
N VAL B 260 20.45 -17.09 1.69
CA VAL B 260 19.98 -17.82 2.86
C VAL B 260 20.61 -19.23 2.94
N ASN B 261 20.60 -19.94 1.82
CA ASN B 261 21.22 -21.27 1.75
C ASN B 261 22.72 -21.22 2.07
N ARG B 262 23.37 -20.11 1.74
CA ARG B 262 24.77 -19.92 2.12
C ARG B 262 24.93 -19.72 3.62
N LEU B 263 23.86 -19.31 4.29
CA LEU B 263 23.91 -19.11 5.72
C LEU B 263 23.33 -20.30 6.48
N ALA B 264 23.09 -21.39 5.77
CA ALA B 264 22.44 -22.56 6.36
C ALA B 264 23.23 -23.20 7.52
N PHE B 265 24.56 -23.11 7.45
CA PHE B 265 25.43 -23.64 8.51
C PHE B 265 25.06 -23.11 9.90
N ALA B 266 24.50 -21.90 9.94
CA ALA B 266 24.14 -21.24 11.21
C ALA B 266 22.84 -21.81 11.80
N ARG B 267 22.19 -22.68 11.03
CA ARG B 267 20.91 -23.27 11.44
C ARG B 267 19.85 -22.23 11.83
N PRO B 268 19.62 -21.21 10.99
CA PRO B 268 18.60 -20.23 11.37
C PRO B 268 17.22 -20.89 11.35
N LEU B 269 16.36 -20.58 12.30
CA LEU B 269 15.00 -21.12 12.28
C LEU B 269 14.24 -20.60 11.06
N PHE B 270 14.39 -19.31 10.80
CA PHE B 270 13.74 -18.70 9.64
C PHE B 270 14.52 -17.51 9.13
N ILE B 271 14.22 -17.12 7.90
CA ILE B 271 14.63 -15.83 7.37
C ILE B 271 13.39 -14.93 7.37
N GLU B 272 13.53 -13.74 7.94
CA GLU B 272 12.43 -12.77 7.98
C GLU B 272 12.53 -11.78 6.83
N GLU B 273 11.39 -11.46 6.21
CA GLU B 273 11.33 -10.53 5.08
C GLU B 273 12.49 -10.69 4.10
N PRO B 274 12.56 -11.84 3.41
CA PRO B 274 13.64 -12.00 2.43
C PRO B 274 13.47 -11.07 1.22
N THR B 275 12.26 -10.60 0.96
CA THR B 275 12.02 -9.75 -0.20
C THR B 275 10.88 -8.76 0.08
N SER B 276 10.43 -8.04 -0.95
CA SER B 276 9.38 -7.02 -0.79
C SER B 276 8.17 -7.50 0.01
N PRO B 277 7.63 -6.65 0.90
CA PRO B 277 6.52 -7.10 1.74
C PRO B 277 5.20 -7.26 0.99
N ASP B 278 5.20 -6.91 -0.30
CA ASP B 278 4.03 -7.05 -1.16
C ASP B 278 4.08 -8.33 -1.97
N ASP B 279 5.22 -8.99 -1.96
CA ASP B 279 5.42 -10.10 -2.89
C ASP B 279 5.06 -11.42 -2.25
N VAL B 280 3.79 -11.78 -2.36
CA VAL B 280 3.29 -13.04 -1.87
C VAL B 280 3.91 -14.21 -2.64
N LEU B 281 3.74 -14.21 -3.96
CA LEU B 281 4.27 -15.29 -4.78
C LEU B 281 5.79 -15.42 -4.66
N GLY B 282 6.47 -14.28 -4.47
CA GLY B 282 7.91 -14.27 -4.28
C GLY B 282 8.31 -14.94 -2.98
N HIS B 283 7.60 -14.63 -1.89
CA HIS B 283 7.88 -15.27 -0.61
C HIS B 283 7.67 -16.79 -0.71
N LYS B 284 6.61 -17.20 -1.40
CA LYS B 284 6.34 -18.62 -1.61
C LYS B 284 7.47 -19.33 -2.38
N ALA B 285 7.98 -18.67 -3.42
CA ALA B 285 9.11 -19.20 -4.18
C ALA B 285 10.35 -19.33 -3.30
N ILE B 286 10.64 -18.31 -2.50
CA ILE B 286 11.77 -18.34 -1.59
C ILE B 286 11.57 -19.47 -0.56
N ARG B 287 10.36 -19.57 -0.03
CA ARG B 287 10.00 -20.59 0.95
C ARG B 287 10.33 -22.01 0.47
N GLU B 288 9.92 -22.30 -0.75
CA GLU B 288 10.21 -23.60 -1.36
C GLU B 288 11.71 -23.80 -1.56
N GLY B 289 12.42 -22.72 -1.89
CA GLY B 289 13.84 -22.82 -2.17
C GLY B 289 14.78 -22.89 -0.97
N VAL B 290 14.33 -22.44 0.19
CA VAL B 290 15.18 -22.45 1.38
C VAL B 290 14.76 -23.46 2.45
N ALA B 291 13.62 -24.13 2.25
CA ALA B 291 13.19 -25.19 3.16
C ALA B 291 14.37 -26.14 3.38
N PRO B 292 14.58 -26.62 4.62
CA PRO B 292 13.77 -26.50 5.85
C PRO B 292 13.92 -25.19 6.64
N ILE B 293 14.77 -24.26 6.20
CA ILE B 293 14.75 -22.95 6.84
C ILE B 293 13.40 -22.31 6.52
N LYS B 294 12.70 -21.82 7.54
CA LYS B 294 11.35 -21.27 7.34
C LYS B 294 11.38 -19.82 6.87
N VAL B 295 10.21 -19.32 6.50
CA VAL B 295 10.08 -17.94 6.03
C VAL B 295 9.10 -17.18 6.90
N ALA B 296 9.53 -16.02 7.36
CA ALA B 296 8.66 -15.18 8.16
C ALA B 296 8.55 -13.82 7.50
N THR B 297 7.39 -13.20 7.63
CA THR B 297 7.18 -11.85 7.10
C THR B 297 5.94 -11.26 7.73
N GLY B 298 5.81 -9.93 7.68
CA GLY B 298 4.57 -9.30 8.10
C GLY B 298 4.65 -7.91 8.67
N GLU B 299 5.81 -7.50 9.18
CA GLU B 299 5.92 -6.21 9.87
C GLU B 299 5.49 -4.99 9.03
N MET B 300 5.62 -5.09 7.70
CA MET B 300 5.09 -4.04 6.82
C MET B 300 3.94 -4.54 5.94
N CYS B 301 3.44 -5.74 6.21
CA CYS B 301 2.32 -6.24 5.42
C CYS B 301 1.16 -5.27 5.65
N GLN B 302 0.62 -4.72 4.56
CA GLN B 302 -0.18 -3.50 4.66
C GLN B 302 -1.56 -3.68 5.32
N ASN B 303 -2.19 -4.83 5.11
CA ASN B 303 -3.56 -5.02 5.60
C ASN B 303 -3.97 -6.49 5.60
N ARG B 304 -5.21 -6.75 6.03
CA ARG B 304 -5.72 -8.12 6.16
C ARG B 304 -5.84 -8.78 4.79
N ILE B 305 -5.95 -7.99 3.74
CA ILE B 305 -6.16 -8.54 2.40
C ILE B 305 -4.85 -9.15 1.92
N MET B 306 -3.74 -8.48 2.20
CA MET B 306 -2.44 -9.04 1.85
C MET B 306 -2.11 -10.24 2.75
N PHE B 307 -2.33 -10.10 4.07
CA PHE B 307 -2.05 -11.21 5.00
C PHE B 307 -2.81 -12.48 4.63
N LYS B 308 -4.09 -12.33 4.25
CA LYS B 308 -4.92 -13.48 3.94
C LYS B 308 -4.36 -14.25 2.74
N GLN B 309 -3.72 -13.53 1.81
CA GLN B 309 -3.15 -14.16 0.63
C GLN B 309 -1.82 -14.82 0.96
N PHE B 310 -0.98 -14.15 1.77
CA PHE B 310 0.23 -14.79 2.30
C PHE B 310 -0.10 -16.11 2.97
N ILE B 311 -1.13 -16.09 3.81
CA ILE B 311 -1.48 -17.27 4.59
C ILE B 311 -2.16 -18.34 3.75
N ALA B 312 -3.16 -17.96 2.96
CA ALA B 312 -3.90 -18.95 2.18
C ALA B 312 -3.07 -19.62 1.08
N SER B 313 -2.07 -18.92 0.56
CA SER B 313 -1.27 -19.48 -0.53
C SER B 313 -0.07 -20.27 0.00
N GLY B 314 0.08 -20.31 1.32
CA GLY B 314 1.20 -21.01 1.92
C GLY B 314 2.54 -20.36 1.57
N ALA B 315 2.56 -19.02 1.63
CA ALA B 315 3.76 -18.26 1.25
C ALA B 315 4.69 -18.01 2.44
N LEU B 316 4.28 -18.45 3.63
CA LEU B 316 5.06 -18.20 4.84
C LEU B 316 4.77 -19.24 5.92
N ASP B 317 5.72 -19.38 6.85
CA ASP B 317 5.58 -20.29 7.97
C ASP B 317 5.16 -19.56 9.23
N ILE B 318 5.66 -18.34 9.39
CA ILE B 318 5.47 -17.55 10.61
C ILE B 318 4.83 -16.22 10.27
N VAL B 319 3.70 -15.91 10.91
CA VAL B 319 2.94 -14.69 10.63
C VAL B 319 3.37 -13.57 11.59
N GLN B 320 3.99 -12.52 11.07
CA GLN B 320 4.50 -11.47 11.94
C GLN B 320 3.64 -10.21 11.87
N ILE B 321 2.51 -10.21 12.57
CA ILE B 321 1.66 -9.02 12.58
C ILE B 321 2.43 -7.88 13.23
N ASP B 322 2.09 -6.65 12.87
CA ASP B 322 2.58 -5.49 13.58
C ASP B 322 1.40 -4.73 14.15
N SER B 323 1.57 -4.15 15.33
CA SER B 323 0.45 -3.55 16.07
C SER B 323 -0.15 -2.28 15.47
N CYS B 324 0.65 -1.55 14.69
CA CYS B 324 0.15 -0.27 14.15
C CYS B 324 0.48 0.02 12.70
N ARG B 325 1.00 -0.98 11.98
CA ARG B 325 1.17 -0.87 10.54
C ARG B 325 -0.20 -0.88 9.86
N MET B 326 -1.09 -1.74 10.35
CA MET B 326 -2.43 -1.89 9.79
C MET B 326 -3.41 -1.11 10.67
N GLY B 327 -4.70 -1.41 10.50
CA GLY B 327 -5.74 -0.69 11.22
C GLY B 327 -5.89 -1.11 12.67
N GLY B 328 -4.78 -1.15 13.39
CA GLY B 328 -4.79 -1.42 14.83
C GLY B 328 -5.29 -2.80 15.23
N LEU B 329 -5.66 -2.91 16.50
CA LEU B 329 -6.03 -4.18 17.11
C LEU B 329 -7.09 -4.97 16.33
N ASN B 330 -8.15 -4.31 15.87
CA ASN B 330 -9.25 -5.02 15.21
C ASN B 330 -8.78 -5.82 14.00
N GLU B 331 -7.93 -5.20 13.17
CA GLU B 331 -7.44 -5.86 11.98
C GLU B 331 -6.41 -6.95 12.32
N VAL B 332 -5.59 -6.69 13.34
CA VAL B 332 -4.67 -7.70 13.85
C VAL B 332 -5.43 -8.95 14.28
N LEU B 333 -6.53 -8.75 15.02
CA LEU B 333 -7.36 -9.87 15.48
C LEU B 333 -7.89 -10.69 14.30
N ALA B 334 -8.35 -10.01 13.25
CA ALA B 334 -8.82 -10.69 12.04
C ALA B 334 -7.72 -11.57 11.46
N VAL B 335 -6.51 -11.02 11.38
CA VAL B 335 -5.38 -11.79 10.84
C VAL B 335 -5.02 -12.96 11.77
N MET B 336 -5.08 -12.75 13.08
CA MET B 336 -4.79 -13.85 14.01
C MET B 336 -5.78 -14.99 13.81
N LEU B 337 -7.04 -14.66 13.55
CA LEU B 337 -8.06 -15.67 13.24
C LEU B 337 -7.78 -16.40 11.93
N VAL B 338 -7.34 -15.66 10.91
CA VAL B 338 -6.95 -16.29 9.65
C VAL B 338 -5.77 -17.23 9.90
N ALA B 339 -4.80 -16.77 10.68
CA ALA B 339 -3.65 -17.62 10.96
C ALA B 339 -4.08 -18.88 11.70
N ALA B 340 -5.06 -18.74 12.61
CA ALA B 340 -5.51 -19.90 13.40
C ALA B 340 -6.22 -20.90 12.51
N LYS B 341 -7.00 -20.41 11.55
CA LYS B 341 -7.66 -21.31 10.61
C LYS B 341 -6.62 -22.17 9.88
N TYR B 342 -5.49 -21.56 9.51
CA TYR B 342 -4.44 -22.27 8.77
C TYR B 342 -3.35 -22.83 9.68
N ASP B 343 -3.54 -22.71 10.98
CA ASP B 343 -2.63 -23.29 11.96
C ASP B 343 -1.21 -22.74 11.78
N LEU B 344 -1.10 -21.45 11.43
CA LEU B 344 0.18 -20.78 11.38
C LEU B 344 0.41 -19.99 12.65
N PRO B 345 1.62 -20.05 13.22
CA PRO B 345 1.91 -19.28 14.43
C PRO B 345 2.09 -17.80 14.14
N VAL B 346 1.63 -16.97 15.08
CA VAL B 346 1.81 -15.53 15.02
C VAL B 346 2.91 -15.07 15.98
N TRP B 347 4.02 -14.57 15.42
CA TRP B 347 5.11 -14.01 16.23
C TRP B 347 5.21 -12.53 15.90
N PRO B 348 4.55 -11.67 16.69
CA PRO B 348 4.48 -10.25 16.33
C PRO B 348 5.82 -9.52 16.26
N HIS B 349 5.92 -8.61 15.29
CA HIS B 349 6.99 -7.63 15.22
C HIS B 349 6.86 -6.67 16.39
N ALA B 350 7.98 -6.27 16.97
CA ALA B 350 7.96 -5.33 18.08
C ALA B 350 9.17 -4.41 18.02
N GLY B 351 9.63 -3.94 19.17
CA GLY B 351 10.69 -2.94 19.20
C GLY B 351 10.15 -1.55 18.88
N GLY B 352 10.82 -0.85 17.99
CA GLY B 352 10.35 0.47 17.55
C GLY B 352 10.14 1.42 18.71
N VAL B 353 9.11 2.25 18.62
CA VAL B 353 8.69 3.07 19.76
C VAL B 353 7.40 2.49 20.31
N GLY B 354 7.46 1.81 21.45
CA GLY B 354 6.27 1.27 22.06
C GLY B 354 5.60 0.06 21.41
N LEU B 355 6.22 -0.52 20.39
CA LEU B 355 5.62 -1.67 19.73
C LEU B 355 5.55 -2.89 20.66
N CYS B 356 6.55 -3.02 21.54
CA CYS B 356 6.53 -4.08 22.55
C CYS B 356 5.34 -3.88 23.48
N GLU B 357 5.13 -2.63 23.88
CA GLU B 357 4.03 -2.25 24.76
C GLU B 357 2.69 -2.64 24.15
N TYR B 358 2.57 -2.47 22.84
CA TYR B 358 1.36 -2.84 22.13
C TYR B 358 1.21 -4.35 21.96
N VAL B 359 2.21 -5.02 21.38
CA VAL B 359 1.98 -6.38 20.91
C VAL B 359 1.89 -7.39 22.04
N GLN B 360 2.46 -7.05 23.20
CA GLN B 360 2.29 -7.92 24.36
C GLN B 360 0.79 -8.21 24.60
N HIS B 361 -0.06 -7.18 24.49
CA HIS B 361 -1.50 -7.35 24.69
C HIS B 361 -2.09 -8.23 23.60
N MET B 362 -1.63 -8.01 22.38
CA MET B 362 -2.20 -8.68 21.21
C MET B 362 -1.93 -10.18 21.26
N SER B 363 -0.69 -10.57 21.55
CA SER B 363 -0.37 -11.99 21.65
C SER B 363 -1.10 -12.64 22.82
N MET B 364 -1.31 -11.88 23.88
CA MET B 364 -1.97 -12.45 25.04
C MET B 364 -3.45 -12.75 24.77
N ILE B 365 -4.09 -11.87 23.99
CA ILE B 365 -5.43 -12.14 23.49
C ILE B 365 -5.39 -13.38 22.60
N ASP B 366 -4.36 -13.47 21.77
CA ASP B 366 -4.24 -14.59 20.85
C ASP B 366 -4.19 -15.88 21.64
N TYR B 367 -3.37 -15.89 22.69
CA TYR B 367 -3.25 -17.06 23.54
C TYR B 367 -4.55 -17.38 24.30
N VAL B 368 -5.12 -16.38 24.97
CA VAL B 368 -6.27 -16.67 25.80
C VAL B 368 -7.52 -17.05 24.99
N ALA B 369 -7.78 -16.30 23.92
CA ALA B 369 -9.10 -16.35 23.28
C ALA B 369 -9.13 -16.81 21.83
N ILE B 370 -7.97 -17.02 21.23
CA ILE B 370 -7.96 -17.39 19.80
C ILE B 370 -7.38 -18.78 19.53
N CYS B 371 -6.10 -18.98 19.77
CA CYS B 371 -5.49 -20.27 19.44
C CYS B 371 -5.11 -21.10 20.68
N GLY B 372 -4.98 -20.45 21.82
CA GLY B 372 -4.76 -21.19 23.06
C GLY B 372 -3.39 -21.82 23.20
N GLU B 373 -2.41 -21.33 22.44
CA GLU B 373 -1.06 -21.87 22.52
C GLU B 373 -0.06 -20.75 22.52
N LYS B 374 0.94 -20.85 23.41
CA LYS B 374 1.97 -19.81 23.49
C LYS B 374 3.40 -20.35 23.62
N ASP B 375 3.54 -21.55 24.20
CA ASP B 375 4.87 -22.06 24.57
C ASP B 375 5.87 -22.18 23.41
N SER B 376 5.36 -22.53 22.23
CA SER B 376 6.22 -22.71 21.06
C SER B 376 6.36 -21.40 20.26
N LYS B 377 5.81 -20.32 20.79
CA LYS B 377 5.85 -19.05 20.07
C LYS B 377 6.74 -18.05 20.76
N ARG B 378 7.14 -17.01 20.05
CA ARG B 378 7.94 -15.95 20.64
C ARG B 378 7.52 -14.59 20.10
N ILE B 379 7.10 -13.70 21.00
CA ILE B 379 6.89 -12.31 20.64
C ILE B 379 8.25 -11.66 20.50
N GLU B 380 8.43 -10.77 19.52
CA GLU B 380 9.70 -10.04 19.45
C GLU B 380 9.82 -9.15 20.68
N TYR B 381 11.05 -8.97 21.15
CA TYR B 381 11.32 -7.97 22.16
C TYR B 381 12.62 -7.23 21.84
N VAL B 382 12.61 -5.93 22.08
CA VAL B 382 13.83 -5.13 21.95
C VAL B 382 13.89 -4.19 23.14
N ASP B 383 15.08 -4.07 23.73
CA ASP B 383 15.27 -3.23 24.90
C ASP B 383 15.66 -1.79 24.52
N HIS B 384 14.79 -1.10 23.80
CA HIS B 384 15.02 0.33 23.50
C HIS B 384 13.81 1.18 23.87
N LEU B 385 14.08 2.36 24.44
CA LEU B 385 13.10 3.44 24.61
C LEU B 385 11.95 3.19 25.61
N HIS B 386 12.03 2.11 26.37
CA HIS B 386 10.99 1.81 27.37
C HIS B 386 10.87 2.87 28.48
N GLU B 387 11.94 3.64 28.70
CA GLU B 387 11.93 4.63 29.77
C GLU B 387 10.96 5.79 29.50
N HIS B 388 10.39 5.84 28.30
CA HIS B 388 9.46 6.91 27.97
C HIS B 388 8.01 6.57 28.30
N PHE B 389 7.75 5.34 28.72
CA PHE B 389 6.39 4.89 28.95
C PHE B 389 5.98 4.85 30.42
N LYS B 390 4.75 5.28 30.69
CA LYS B 390 4.23 5.24 32.05
C LYS B 390 4.17 3.82 32.55
N HIS B 391 3.76 2.91 31.66
CA HIS B 391 3.65 1.49 32.02
C HIS B 391 4.38 0.61 31.03
N PRO B 392 5.72 0.61 31.09
CA PRO B 392 6.52 -0.15 30.14
C PRO B 392 6.27 -1.64 30.27
N CYS B 393 6.46 -2.37 29.19
CA CYS B 393 6.38 -3.82 29.27
C CYS B 393 7.47 -4.27 30.21
N ILE B 394 7.22 -5.38 30.87
CA ILE B 394 8.18 -5.95 31.79
C ILE B 394 8.59 -7.31 31.26
N VAL B 395 9.89 -7.47 30.99
CA VAL B 395 10.40 -8.70 30.45
C VAL B 395 11.54 -9.21 31.33
N THR B 396 11.44 -10.47 31.75
CA THR B 396 12.53 -11.11 32.47
C THR B 396 12.51 -12.60 32.21
N GLY B 397 13.68 -13.22 32.21
CA GLY B 397 13.80 -14.63 31.90
C GLY B 397 13.15 -15.01 30.58
N GLY B 398 13.22 -14.12 29.61
CA GLY B 398 12.74 -14.43 28.27
C GLY B 398 11.22 -14.43 28.11
N ALA B 399 10.53 -13.67 28.96
CA ALA B 399 9.06 -13.58 28.88
C ALA B 399 8.50 -12.23 29.30
N TYR B 400 7.49 -11.78 28.56
CA TYR B 400 6.68 -10.63 28.95
C TYR B 400 5.78 -11.00 30.11
N GLN B 401 5.80 -10.17 31.15
CA GLN B 401 4.83 -10.27 32.23
C GLN B 401 3.50 -9.64 31.78
N ALA B 402 2.38 -10.25 32.15
CA ALA B 402 1.08 -9.75 31.70
C ALA B 402 0.85 -8.36 32.29
N PRO B 403 0.48 -7.40 31.43
CA PRO B 403 0.17 -6.02 31.84
C PRO B 403 -0.97 -5.97 32.85
N HIS B 404 -0.90 -5.03 33.79
CA HIS B 404 -1.92 -4.87 34.82
C HIS B 404 -2.66 -3.54 34.71
N ALA B 405 -1.98 -2.51 34.23
CA ALA B 405 -2.54 -1.16 34.25
C ALA B 405 -3.67 -1.03 33.22
N PRO B 406 -4.67 -0.20 33.52
CA PRO B 406 -5.72 0.04 32.53
C PRO B 406 -5.12 0.68 31.28
N GLY B 407 -5.65 0.35 30.11
CA GLY B 407 -5.16 0.94 28.87
C GLY B 407 -4.29 0.00 28.07
N PHE B 408 -3.63 0.56 27.06
CA PHE B 408 -2.93 -0.22 26.03
C PHE B 408 -1.41 -0.15 26.25
N SER B 409 -0.99 0.30 27.44
CA SER B 409 0.44 0.38 27.83
C SER B 409 1.26 1.39 27.04
N ILE B 410 0.62 2.17 26.18
CA ILE B 410 1.34 2.97 25.18
C ILE B 410 1.52 4.42 25.64
N GLU B 411 0.81 4.83 26.68
CA GLU B 411 0.86 6.23 27.08
C GLU B 411 2.24 6.62 27.57
N MET B 412 2.76 7.73 27.04
CA MET B 412 4.09 8.19 27.37
C MET B 412 4.09 9.12 28.56
N LYS B 413 5.24 9.23 29.22
CA LYS B 413 5.41 10.26 30.24
C LYS B 413 5.30 11.62 29.57
N GLU B 414 4.68 12.54 30.28
CA GLU B 414 4.40 13.88 29.78
C GLU B 414 5.65 14.59 29.29
N ASP B 415 6.74 14.48 30.05
CA ASP B 415 8.00 15.13 29.65
C ASP B 415 8.48 14.68 28.27
N THR B 416 8.23 13.42 27.92
CA THR B 416 8.64 12.89 26.62
C THR B 416 7.95 13.65 25.49
N LEU B 417 6.66 13.94 25.69
CA LEU B 417 5.87 14.60 24.66
C LEU B 417 6.46 15.98 24.35
N ASP B 418 7.20 16.54 25.29
CA ASP B 418 7.85 17.83 25.06
C ASP B 418 9.29 17.70 24.53
N ALA B 419 10.10 16.88 25.19
CA ALA B 419 11.52 16.81 24.87
C ALA B 419 11.83 16.25 23.49
N PHE B 420 10.91 15.49 22.91
CA PHE B 420 11.20 14.79 21.67
C PHE B 420 10.32 15.22 20.49
N LEU B 421 9.69 16.38 20.65
CA LEU B 421 8.90 16.98 19.60
C LEU B 421 9.80 17.45 18.45
N PHE B 422 9.55 16.95 17.24
CA PHE B 422 10.36 17.33 16.07
C PHE B 422 10.02 18.73 15.56
O4 EHM C . -14.43 8.91 -10.17
C4 EHM C . -13.65 7.93 -9.57
C3 EHM C . -13.67 6.57 -10.21
O3 EHM C . -14.97 6.26 -10.58
C2 EHM C . -12.75 6.46 -11.42
O2 EHM C . -11.44 6.66 -10.97
C1 EHM C . -12.82 5.11 -12.08
O1 EHM C . -13.07 4.10 -11.44
N EHM C . -12.58 5.00 -13.49
ON EHM C . -12.62 3.82 -14.05
MG MG D . -12.51 2.44 -12.58
O4 EHM E . 14.67 -1.06 12.98
C4 EHM E . 13.98 -1.30 11.79
C3 EHM E . 13.73 -2.74 11.41
O3 EHM E . 14.94 -3.42 11.36
C2 EHM E . 12.80 -3.48 12.38
O2 EHM E . 11.53 -2.94 12.30
C1 EHM E . 12.74 -4.94 12.03
O1 EHM E . 12.93 -5.32 10.88
N EHM E . 12.42 -5.87 13.09
ON EHM E . 12.32 -7.14 12.84
MG MG F . 12.11 -7.27 10.78
C1 GOL G . -7.71 -18.21 -2.75
O1 GOL G . -6.89 -17.96 -1.64
C2 GOL G . -9.07 -17.58 -2.48
O2 GOL G . -9.95 -18.53 -1.92
C3 GOL G . -9.61 -16.99 -3.77
O3 GOL G . -10.82 -16.29 -3.52
#